data_7A7G
#
_entry.id   7A7G
#
_cell.length_a   137.808
_cell.length_b   79.249
_cell.length_c   90.443
_cell.angle_alpha   90.000
_cell.angle_beta   130.620
_cell.angle_gamma   90.000
#
_symmetry.space_group_name_H-M   'C 1 2 1'
#
loop_
_entity.id
_entity.type
_entity.pdbx_description
1 polymer 'Bifunctional epoxide hydrolase 2'
2 non-polymer '(2~{R})-2-[[4-[[4-methoxy-2-(trifluoromethyl)phenyl]methylcarbamoyl]phenyl]methyl]butanoic acid'
3 water water
#
_entity_poly.entity_id   1
_entity_poly.type   'polypeptide(L)'
_entity_poly.pdbx_seq_one_letter_code
;MASLNTPAPLPTSCNPSDMSHGYVTVKPRVRLHFVELGSGPAVCLCHGFPESWYSWRYQIPALAQAGYRVLAMDMKGYGE
SSAPPEIEEYCMEVLCKEMVTFLDKLGLSQAVFIGHDWGGMLVWYMALFYPERVRAVASLNTPFIPANPNMSPLESIKAN
PVFDYQLYFQEPGVAEAELEQNLSRTFKSLFRASDESVLSMHKVCEAGGLFVNSPEEPSLSRMVTEEEIQFYVQQFKKSG
FRGPLNWYRNMERNWKWACKSLGRKILIPALMVTAEKDFVLVPQMSQHMEDWIPHLKRGHIEDCGHWTQMDKPTEVNQIL
IKWLDSDARNPPVVSKMLLEHHHHHH
;
_entity_poly.pdbx_strand_id   A,B
#
loop_
_chem_comp.id
_chem_comp.type
_chem_comp.name
_chem_comp.formula
TK9 non-polymer '(2~{R})-2-[[4-[[4-methoxy-2-(trifluoromethyl)phenyl]methylcarbamoyl]phenyl]methyl]butanoic acid' 'C21 H22 F3 N O4'
#
# COMPACT_ATOMS: atom_id res chain seq x y z
N PRO A 11 5.85 7.59 23.31
CA PRO A 11 5.40 6.58 22.30
C PRO A 11 5.89 6.94 20.89
N THR A 12 6.50 5.98 20.19
CA THR A 12 6.99 6.16 18.80
C THR A 12 5.87 6.75 17.92
N SER A 13 6.18 7.83 17.23
CA SER A 13 5.26 8.56 16.35
C SER A 13 5.57 8.19 14.90
N CYS A 14 5.02 8.92 13.94
CA CYS A 14 5.20 8.70 12.50
C CYS A 14 5.80 9.95 11.88
N ASN A 15 6.85 9.77 11.06
CA ASN A 15 7.32 10.77 10.05
C ASN A 15 6.60 10.51 8.72
N PRO A 16 5.76 11.45 8.24
CA PRO A 16 4.97 11.25 7.02
C PRO A 16 5.82 10.82 5.80
N SER A 17 6.99 11.45 5.67
CA SER A 17 7.97 11.25 4.58
C SER A 17 8.46 9.79 4.53
N ASP A 18 8.32 9.03 5.63
CA ASP A 18 8.94 7.68 5.81
C ASP A 18 7.88 6.59 5.73
N MET A 19 6.60 6.97 5.60
CA MET A 19 5.46 6.03 5.54
C MET A 19 5.32 5.50 4.12
N SER A 20 4.79 4.28 3.98
CA SER A 20 4.23 3.76 2.71
C SER A 20 2.85 4.37 2.49
N HIS A 21 2.71 5.10 1.39
CA HIS A 21 1.47 5.80 0.99
C HIS A 21 0.71 4.94 -0.01
N GLY A 22 -0.55 4.65 0.29
CA GLY A 22 -1.43 3.81 -0.54
C GLY A 22 -2.56 4.61 -1.11
N TYR A 23 -2.96 4.30 -2.34
CA TYR A 23 -4.03 4.99 -3.09
C TYR A 23 -4.91 3.97 -3.78
N VAL A 24 -6.22 4.20 -3.70
CA VAL A 24 -7.25 3.29 -4.20
C VAL A 24 -8.41 4.13 -4.67
N THR A 25 -8.70 4.08 -5.97
CA THR A 25 -9.91 4.66 -6.60
C THR A 25 -11.08 3.76 -6.27
N VAL A 26 -12.07 4.29 -5.57
CA VAL A 26 -13.29 3.56 -5.17
C VAL A 26 -14.44 3.98 -6.10
N LYS A 27 -14.18 4.88 -7.05
CA LYS A 27 -15.21 5.51 -7.95
C LYS A 27 -14.53 6.55 -8.84
N PRO A 28 -15.13 6.93 -9.97
CA PRO A 28 -14.40 7.63 -11.03
C PRO A 28 -13.39 8.70 -10.51
N ARG A 29 -13.87 9.73 -9.81
CA ARG A 29 -13.03 10.89 -9.38
C ARG A 29 -12.84 10.84 -7.87
N VAL A 30 -12.84 9.65 -7.28
CA VAL A 30 -12.74 9.48 -5.81
C VAL A 30 -11.71 8.40 -5.51
N ARG A 31 -10.54 8.84 -5.10
CA ARG A 31 -9.41 8.02 -4.63
C ARG A 31 -9.34 8.14 -3.11
N LEU A 32 -9.11 7.04 -2.39
CA LEU A 32 -8.81 7.05 -0.94
C LEU A 32 -7.31 6.83 -0.72
N HIS A 33 -6.67 7.73 0.05
CA HIS A 33 -5.25 7.63 0.48
C HIS A 33 -5.21 6.99 1.86
N PHE A 34 -4.23 6.17 2.09
CA PHE A 34 -3.96 5.57 3.40
C PHE A 34 -2.46 5.39 3.58
N VAL A 35 -2.08 5.25 4.82
CA VAL A 35 -0.71 4.95 5.25
C VAL A 35 -0.72 3.55 5.82
N GLU A 36 0.30 2.77 5.56
CA GLU A 36 0.29 1.34 5.80
C GLU A 36 1.57 0.93 6.50
N LEU A 37 1.45 0.15 7.55
CA LEU A 37 2.58 -0.31 8.36
C LEU A 37 2.22 -1.62 9.02
N GLY A 38 3.08 -2.62 8.87
CA GLY A 38 3.06 -3.85 9.66
C GLY A 38 2.49 -5.01 8.88
N SER A 39 2.53 -6.19 9.48
CA SER A 39 2.02 -7.46 8.95
C SER A 39 1.12 -8.11 9.99
N GLY A 40 0.25 -9.03 9.54
CA GLY A 40 -0.79 -9.67 10.37
C GLY A 40 -2.18 -9.11 10.03
N PRO A 41 -3.18 -9.33 10.91
CA PRO A 41 -4.56 -8.94 10.63
C PRO A 41 -4.69 -7.45 10.28
N ALA A 42 -5.47 -7.15 9.27
CA ALA A 42 -5.69 -5.78 8.77
C ALA A 42 -6.57 -5.00 9.76
N VAL A 43 -6.06 -3.87 10.20
CA VAL A 43 -6.76 -2.89 11.06
C VAL A 43 -6.80 -1.57 10.33
N CYS A 44 -7.97 -0.98 10.26
CA CYS A 44 -8.27 0.18 9.43
C CYS A 44 -8.73 1.30 10.35
N LEU A 45 -7.88 2.32 10.51
CA LEU A 45 -8.08 3.45 11.43
C LEU A 45 -8.70 4.61 10.67
N CYS A 46 -9.86 5.09 11.12
CA CYS A 46 -10.66 6.12 10.46
C CYS A 46 -10.79 7.31 11.38
N HIS A 47 -10.05 8.38 11.09
CA HIS A 47 -9.98 9.60 11.91
C HIS A 47 -11.35 10.29 11.89
N GLY A 48 -11.48 11.33 12.70
CA GLY A 48 -12.69 12.15 12.81
C GLY A 48 -12.51 13.49 12.17
N PHE A 49 -13.41 14.42 12.47
CA PHE A 49 -13.39 15.85 12.06
C PHE A 49 -12.60 16.70 13.07
N PRO A 50 -11.83 17.71 12.63
CA PRO A 50 -11.35 17.77 11.27
C PRO A 50 -9.88 17.37 11.20
N GLU A 51 -9.61 16.07 11.06
CA GLU A 51 -8.31 15.49 11.41
C GLU A 51 -7.65 14.94 10.15
N SER A 52 -7.06 13.77 10.24
CA SER A 52 -6.04 13.26 9.30
C SER A 52 -5.62 11.85 9.74
N TRP A 53 -5.00 11.09 8.84
CA TRP A 53 -4.36 9.82 9.18
C TRP A 53 -3.33 10.09 10.27
N TYR A 54 -2.73 11.27 10.25
CA TYR A 54 -1.61 11.69 11.13
C TYR A 54 -2.07 11.65 12.60
N SER A 55 -3.38 11.85 12.84
CA SER A 55 -4.03 11.70 14.16
C SER A 55 -3.72 10.34 14.78
N TRP A 56 -3.40 9.35 13.96
CA TRP A 56 -3.11 7.96 14.42
C TRP A 56 -1.59 7.75 14.55
N ARG A 57 -0.80 8.84 14.52
CA ARG A 57 0.69 8.77 14.44
C ARG A 57 1.26 7.96 15.62
N TYR A 58 0.60 7.97 16.79
CA TYR A 58 1.10 7.26 18.01
C TYR A 58 0.59 5.81 18.04
N GLN A 59 -0.53 5.52 17.40
CA GLN A 59 -1.14 4.16 17.37
C GLN A 59 -0.45 3.31 16.31
N ILE A 60 -0.17 3.90 15.16
CA ILE A 60 0.25 3.17 13.96
C ILE A 60 1.50 2.37 14.29
N PRO A 61 2.56 2.99 14.84
CA PRO A 61 3.79 2.26 15.09
C PRO A 61 3.58 1.15 16.13
N ALA A 62 2.68 1.37 17.09
CA ALA A 62 2.45 0.47 18.24
C ALA A 62 1.64 -0.76 17.79
N LEU A 63 0.59 -0.56 17.01
CA LEU A 63 -0.26 -1.65 16.48
C LEU A 63 0.58 -2.52 15.52
N ALA A 64 1.45 -1.91 14.70
CA ALA A 64 2.34 -2.65 13.77
C ALA A 64 3.26 -3.53 14.60
N GLN A 65 3.92 -2.94 15.61
CA GLN A 65 4.84 -3.67 16.55
C GLN A 65 4.06 -4.79 17.28
N ALA A 66 2.75 -4.60 17.53
CA ALA A 66 1.90 -5.53 18.29
C ALA A 66 1.51 -6.73 17.42
N GLY A 67 1.72 -6.63 16.10
CA GLY A 67 1.58 -7.75 15.13
C GLY A 67 0.38 -7.55 14.21
N TYR A 68 0.17 -6.34 13.73
CA TYR A 68 -1.02 -5.96 12.96
C TYR A 68 -0.58 -5.18 11.74
N ARG A 69 -1.32 -5.37 10.64
CA ARG A 69 -1.22 -4.56 9.42
C ARG A 69 -2.18 -3.40 9.55
N VAL A 70 -1.63 -2.20 9.72
CA VAL A 70 -2.35 -0.95 9.99
C VAL A 70 -2.55 -0.24 8.66
N LEU A 71 -3.79 0.15 8.36
CA LEU A 71 -4.11 1.10 7.28
C LEU A 71 -4.73 2.32 7.89
N ALA A 72 -4.02 3.44 7.85
CA ALA A 72 -4.42 4.72 8.43
C ALA A 72 -4.93 5.63 7.34
N MET A 73 -6.25 5.80 7.28
CA MET A 73 -6.95 6.51 6.17
C MET A 73 -6.75 8.02 6.33
N ASP A 74 -6.65 8.73 5.20
CA ASP A 74 -7.32 10.03 4.98
C ASP A 74 -8.75 9.72 4.56
N MET A 75 -9.70 9.94 5.45
CA MET A 75 -11.15 9.79 5.15
C MET A 75 -11.49 10.72 4.00
N LYS A 76 -12.55 10.44 3.29
CA LYS A 76 -12.93 11.23 2.10
C LYS A 76 -13.13 12.69 2.51
N GLY A 77 -12.54 13.62 1.75
CA GLY A 77 -12.58 15.07 2.00
C GLY A 77 -11.26 15.59 2.57
N TYR A 78 -10.40 14.70 3.04
CA TYR A 78 -9.22 15.03 3.87
C TYR A 78 -7.93 14.75 3.07
N GLY A 79 -6.93 15.61 3.25
CA GLY A 79 -5.52 15.32 2.95
C GLY A 79 -5.34 14.92 1.50
N GLU A 80 -5.03 13.66 1.25
CA GLU A 80 -4.63 13.16 -0.08
C GLU A 80 -5.77 12.30 -0.66
N SER A 81 -6.78 11.97 0.15
CA SER A 81 -8.07 11.42 -0.32
C SER A 81 -8.82 12.50 -1.07
N SER A 82 -9.44 12.16 -2.19
CA SER A 82 -10.30 13.05 -2.99
C SER A 82 -11.31 13.77 -2.09
N ALA A 83 -11.66 14.99 -2.44
CA ALA A 83 -12.74 15.81 -1.84
C ALA A 83 -13.75 16.16 -2.93
N PRO A 84 -14.60 15.22 -3.35
CA PRO A 84 -15.62 15.50 -4.34
C PRO A 84 -16.51 16.64 -3.87
N PRO A 85 -16.95 17.51 -4.80
CA PRO A 85 -17.62 18.75 -4.43
C PRO A 85 -19.05 18.58 -3.90
N GLU A 86 -19.69 17.44 -4.19
CA GLU A 86 -21.15 17.23 -3.90
C GLU A 86 -21.32 16.95 -2.40
N ILE A 87 -22.29 17.63 -1.76
CA ILE A 87 -22.60 17.49 -0.31
C ILE A 87 -22.98 16.04 -0.01
N GLU A 88 -23.80 15.43 -0.90
CA GLU A 88 -24.43 14.10 -0.69
C GLU A 88 -23.39 12.98 -0.84
N GLU A 89 -22.16 13.30 -1.25
CA GLU A 89 -21.03 12.33 -1.36
C GLU A 89 -20.56 11.93 0.05
N TYR A 90 -20.92 12.72 1.07
CA TYR A 90 -20.41 12.58 2.46
C TYR A 90 -21.54 12.11 3.39
N CYS A 91 -22.63 11.62 2.83
CA CYS A 91 -23.62 10.83 3.61
C CYS A 91 -23.02 9.45 3.93
N MET A 92 -23.35 8.92 5.09
CA MET A 92 -22.75 7.71 5.66
C MET A 92 -22.88 6.56 4.64
N GLU A 93 -24.07 6.43 4.03
CA GLU A 93 -24.37 5.40 3.01
C GLU A 93 -23.21 5.31 2.01
N VAL A 94 -22.92 6.41 1.31
CA VAL A 94 -21.89 6.47 0.24
C VAL A 94 -20.54 6.14 0.86
N LEU A 95 -20.23 6.77 2.02
CA LEU A 95 -18.95 6.69 2.71
C LEU A 95 -18.68 5.23 3.07
N CYS A 96 -19.68 4.51 3.53
CA CYS A 96 -19.55 3.08 3.91
C CYS A 96 -19.36 2.19 2.67
N LYS A 97 -20.18 2.37 1.63
CA LYS A 97 -20.10 1.58 0.37
C LYS A 97 -18.65 1.74 -0.20
N GLU A 98 -18.11 2.95 -0.11
CA GLU A 98 -16.78 3.32 -0.66
C GLU A 98 -15.66 2.63 0.15
N MET A 99 -15.86 2.43 1.46
CA MET A 99 -14.90 1.70 2.32
C MET A 99 -14.95 0.21 1.99
N VAL A 100 -16.14 -0.31 1.72
CA VAL A 100 -16.34 -1.72 1.28
C VAL A 100 -15.59 -1.94 -0.06
N THR A 101 -15.73 -0.99 -1.00
CA THR A 101 -15.03 -0.97 -2.30
C THR A 101 -13.52 -0.89 -2.05
N PHE A 102 -13.12 -0.20 -1.01
CA PHE A 102 -11.72 -0.09 -0.58
C PHE A 102 -11.19 -1.47 -0.22
N LEU A 103 -11.91 -2.18 0.63
CA LEU A 103 -11.55 -3.56 1.02
C LEU A 103 -11.47 -4.44 -0.26
N ASP A 104 -12.49 -4.37 -1.11
CA ASP A 104 -12.59 -5.19 -2.36
C ASP A 104 -11.30 -5.01 -3.18
N LYS A 105 -10.82 -3.78 -3.34
CA LYS A 105 -9.74 -3.43 -4.28
C LYS A 105 -8.39 -3.84 -3.70
N LEU A 106 -8.30 -4.00 -2.40
CA LEU A 106 -7.08 -4.44 -1.69
C LEU A 106 -7.11 -5.96 -1.53
N GLY A 107 -8.20 -6.61 -1.90
CA GLY A 107 -8.38 -8.07 -1.73
C GLY A 107 -8.42 -8.46 -0.27
N LEU A 108 -9.12 -7.68 0.56
CA LEU A 108 -9.35 -7.99 1.99
C LEU A 108 -10.80 -8.48 2.17
N SER A 109 -10.96 -9.69 2.70
CA SER A 109 -12.28 -10.29 3.01
C SER A 109 -12.90 -9.57 4.21
N GLN A 110 -12.08 -9.10 5.12
CA GLN A 110 -12.53 -8.18 6.19
C GLN A 110 -11.34 -7.43 6.79
N ALA A 111 -11.64 -6.48 7.65
CA ALA A 111 -10.67 -5.73 8.46
C ALA A 111 -11.24 -5.57 9.84
N VAL A 112 -10.38 -5.31 10.80
CA VAL A 112 -10.79 -4.61 12.03
C VAL A 112 -10.90 -3.12 11.70
N PHE A 113 -12.04 -2.52 12.02
CA PHE A 113 -12.30 -1.09 11.85
C PHE A 113 -12.26 -0.40 13.22
N ILE A 114 -11.36 0.56 13.36
CA ILE A 114 -11.17 1.40 14.58
C ILE A 114 -11.35 2.84 14.15
N GLY A 115 -12.35 3.51 14.72
CA GLY A 115 -12.74 4.88 14.37
C GLY A 115 -12.70 5.80 15.56
N HIS A 116 -12.60 7.08 15.31
CA HIS A 116 -12.69 8.16 16.31
C HIS A 116 -13.58 9.28 15.77
N ASP A 117 -14.54 9.71 16.56
CA ASP A 117 -15.36 10.90 16.23
C ASP A 117 -16.25 10.54 15.02
N TRP A 118 -16.22 11.29 13.94
CA TRP A 118 -16.99 10.97 12.71
C TRP A 118 -16.54 9.62 12.16
N GLY A 119 -15.24 9.33 12.20
CA GLY A 119 -14.66 8.01 11.84
C GLY A 119 -15.25 6.88 12.68
N GLY A 120 -15.52 7.16 13.95
CA GLY A 120 -16.20 6.21 14.86
C GLY A 120 -17.63 5.91 14.41
N MET A 121 -18.31 6.90 13.88
CA MET A 121 -19.71 6.76 13.41
C MET A 121 -19.69 5.92 12.13
N LEU A 122 -18.68 6.09 11.30
CA LEU A 122 -18.49 5.29 10.04
C LEU A 122 -18.32 3.81 10.40
N VAL A 123 -17.48 3.50 11.39
CA VAL A 123 -17.09 2.10 11.72
C VAL A 123 -18.22 1.40 12.48
N TRP A 124 -19.00 2.14 13.28
CA TRP A 124 -20.29 1.62 13.83
C TRP A 124 -21.18 1.17 12.66
N TYR A 125 -21.29 1.98 11.61
CA TYR A 125 -22.27 1.80 10.52
C TYR A 125 -21.78 0.75 9.51
N MET A 126 -20.45 0.65 9.32
CA MET A 126 -19.77 -0.51 8.66
C MET A 126 -20.15 -1.79 9.38
N ALA A 127 -20.05 -1.81 10.70
CA ALA A 127 -20.27 -2.99 11.55
C ALA A 127 -21.75 -3.35 11.52
N LEU A 128 -22.63 -2.36 11.35
CA LEU A 128 -24.10 -2.56 11.33
C LEU A 128 -24.49 -3.19 9.99
N PHE A 129 -24.06 -2.60 8.86
CA PHE A 129 -24.56 -2.90 7.49
C PHE A 129 -23.60 -3.82 6.73
N TYR A 130 -22.34 -3.94 7.13
CA TYR A 130 -21.29 -4.77 6.43
C TYR A 130 -20.53 -5.61 7.44
N PRO A 131 -21.22 -6.25 8.40
CA PRO A 131 -20.55 -7.06 9.41
C PRO A 131 -19.67 -8.15 8.81
N GLU A 132 -20.09 -8.72 7.68
CA GLU A 132 -19.36 -9.82 7.00
C GLU A 132 -17.94 -9.31 6.64
N ARG A 133 -17.77 -7.99 6.47
CA ARG A 133 -16.47 -7.34 6.07
C ARG A 133 -15.73 -6.79 7.31
N VAL A 134 -16.34 -6.83 8.49
CA VAL A 134 -15.75 -6.22 9.72
C VAL A 134 -15.50 -7.31 10.75
N ARG A 135 -14.22 -7.71 10.89
CA ARG A 135 -13.73 -8.80 11.80
C ARG A 135 -14.00 -8.40 13.24
N ALA A 136 -13.99 -7.10 13.52
CA ALA A 136 -14.34 -6.49 14.83
C ALA A 136 -14.30 -4.97 14.69
N VAL A 137 -15.00 -4.26 15.57
CA VAL A 137 -15.19 -2.79 15.48
C VAL A 137 -14.89 -2.13 16.85
N ALA A 138 -14.22 -0.98 16.82
CA ALA A 138 -13.88 -0.17 18.00
C ALA A 138 -14.12 1.29 17.68
N SER A 139 -14.76 2.02 18.59
CA SER A 139 -14.95 3.48 18.51
C SER A 139 -14.25 4.16 19.68
N LEU A 140 -13.52 5.22 19.40
CA LEU A 140 -13.01 6.19 20.38
C LEU A 140 -14.03 7.33 20.49
N ASN A 141 -14.60 7.49 21.68
CA ASN A 141 -15.50 8.60 22.08
C ASN A 141 -16.91 8.37 21.51
N THR A 142 -17.03 8.03 20.24
CA THR A 142 -18.32 8.05 19.51
C THR A 142 -19.18 6.85 19.95
N PRO A 143 -20.37 7.07 20.53
CA PRO A 143 -21.30 6.01 20.80
C PRO A 143 -22.01 5.52 19.52
N PHE A 144 -22.62 4.34 19.58
CA PHE A 144 -23.61 3.87 18.59
C PHE A 144 -25.00 3.96 19.18
N ILE A 145 -25.71 5.05 18.91
CA ILE A 145 -27.15 5.26 19.28
C ILE A 145 -28.03 4.99 18.06
N PRO A 146 -28.91 3.98 18.11
CA PRO A 146 -29.81 3.71 16.99
C PRO A 146 -30.76 4.89 16.75
N ALA A 147 -31.01 5.22 15.50
CA ALA A 147 -31.99 6.24 15.04
C ALA A 147 -33.39 5.90 15.60
N ASN A 148 -34.04 6.86 16.24
CA ASN A 148 -35.51 6.82 16.52
C ASN A 148 -36.24 7.32 15.28
N PRO A 149 -37.06 6.46 14.63
CA PRO A 149 -37.74 6.84 13.41
C PRO A 149 -38.87 7.85 13.67
N ASN A 150 -39.22 8.04 14.95
CA ASN A 150 -40.23 9.03 15.41
C ASN A 150 -39.52 10.35 15.76
N MET A 151 -38.17 10.34 15.79
CA MET A 151 -37.32 11.49 16.19
C MET A 151 -36.41 11.89 15.01
N SER A 152 -36.80 12.94 14.26
CA SER A 152 -36.00 13.56 13.17
C SER A 152 -34.67 14.10 13.73
N PRO A 153 -33.65 14.30 12.88
CA PRO A 153 -32.36 14.85 13.33
C PRO A 153 -32.46 16.29 13.89
N LEU A 154 -33.10 17.21 13.15
CA LEU A 154 -33.30 18.63 13.55
C LEU A 154 -34.03 18.68 14.90
N GLU A 155 -34.82 17.64 15.22
CA GLU A 155 -35.42 17.43 16.58
C GLU A 155 -34.30 17.19 17.60
N SER A 156 -33.39 16.24 17.29
CA SER A 156 -32.33 15.71 18.21
C SER A 156 -31.40 16.84 18.68
N ILE A 157 -31.10 17.81 17.80
CA ILE A 157 -30.41 19.09 18.17
C ILE A 157 -31.45 20.05 18.79
N ASN A 160 -30.49 17.76 22.34
CA ASN A 160 -29.12 17.58 22.89
C ASN A 160 -28.30 18.85 22.65
N PRO A 161 -28.78 20.03 23.10
CA PRO A 161 -28.34 21.32 22.55
C PRO A 161 -26.83 21.57 22.58
N VAL A 162 -26.04 20.69 23.22
CA VAL A 162 -24.54 20.64 23.09
C VAL A 162 -24.18 20.70 21.60
N PHE A 163 -25.14 20.31 20.75
CA PHE A 163 -24.96 20.01 19.31
C PHE A 163 -25.54 21.15 18.45
N ASP A 164 -25.84 22.30 19.07
CA ASP A 164 -26.38 23.51 18.36
C ASP A 164 -25.37 23.92 17.28
N TYR A 165 -24.06 23.76 17.54
CA TYR A 165 -22.94 24.17 16.63
C TYR A 165 -23.09 23.49 15.28
N GLN A 166 -23.76 22.34 15.24
CA GLN A 166 -23.98 21.56 14.01
C GLN A 166 -24.82 22.39 13.05
N LEU A 167 -25.67 23.29 13.56
CA LEU A 167 -26.55 24.18 12.76
C LEU A 167 -25.70 25.24 12.04
N TYR A 168 -24.72 25.82 12.75
CA TYR A 168 -23.71 26.75 12.18
C TYR A 168 -22.91 26.05 11.05
N PHE A 169 -22.75 24.75 11.13
CA PHE A 169 -21.94 23.95 10.17
C PHE A 169 -22.76 23.64 8.91
N GLN A 170 -24.08 23.92 8.93
CA GLN A 170 -25.05 23.45 7.89
C GLN A 170 -24.86 24.25 6.59
N GLU A 171 -24.98 25.57 6.66
CA GLU A 171 -25.00 26.49 5.48
C GLU A 171 -23.63 26.43 4.79
N PRO A 172 -23.56 25.86 3.56
CA PRO A 172 -22.29 25.75 2.85
C PRO A 172 -21.66 27.13 2.61
N GLY A 173 -20.36 27.25 2.88
CA GLY A 173 -19.59 28.50 2.73
C GLY A 173 -19.25 29.11 4.08
N VAL A 174 -20.21 29.10 5.02
CA VAL A 174 -20.22 29.95 6.24
C VAL A 174 -19.06 29.51 7.16
N ALA A 175 -19.12 28.30 7.70
CA ALA A 175 -18.12 27.76 8.65
C ALA A 175 -16.77 27.55 7.92
N GLU A 176 -16.81 27.35 6.60
CA GLU A 176 -15.60 27.20 5.76
C GLU A 176 -14.73 28.46 5.91
N ALA A 177 -15.36 29.64 5.93
CA ALA A 177 -14.68 30.95 5.91
C ALA A 177 -13.97 31.17 7.25
N GLU A 178 -14.67 30.89 8.35
CA GLU A 178 -14.12 30.94 9.72
C GLU A 178 -12.89 30.05 9.78
N LEU A 179 -13.04 28.78 9.40
CA LEU A 179 -12.06 27.71 9.65
C LEU A 179 -10.87 27.83 8.70
N GLU A 180 -11.07 28.45 7.54
CA GLU A 180 -10.02 28.63 6.49
C GLU A 180 -9.33 30.00 6.65
N GLN A 181 -9.94 30.91 7.42
CA GLN A 181 -9.41 32.27 7.71
C GLN A 181 -7.92 32.18 8.03
N ASN A 182 -7.57 31.39 9.04
CA ASN A 182 -6.20 31.24 9.58
C ASN A 182 -6.05 29.82 10.08
N LEU A 183 -5.37 28.96 9.31
CA LEU A 183 -5.38 27.49 9.50
C LEU A 183 -4.64 27.15 10.78
N SER A 184 -3.51 27.82 11.04
CA SER A 184 -2.72 27.70 12.29
C SER A 184 -3.61 28.03 13.49
N ARG A 185 -4.36 29.11 13.39
CA ARG A 185 -5.34 29.54 14.43
C ARG A 185 -6.33 28.42 14.66
N THR A 186 -6.95 27.94 13.59
CA THR A 186 -7.99 26.86 13.61
C THR A 186 -7.50 25.69 14.48
N PHE A 187 -6.28 25.20 14.22
CA PHE A 187 -5.78 23.89 14.70
C PHE A 187 -5.17 24.02 16.10
N LYS A 188 -4.42 25.09 16.35
CA LYS A 188 -3.98 25.47 17.71
C LYS A 188 -5.20 25.63 18.61
N SER A 189 -6.30 26.16 18.06
CA SER A 189 -7.57 26.45 18.80
C SER A 189 -8.29 25.14 19.16
N LEU A 190 -8.33 24.18 18.23
CA LEU A 190 -9.11 22.93 18.38
C LEU A 190 -8.31 21.91 19.20
N PHE A 191 -7.10 21.60 18.76
CA PHE A 191 -6.28 20.49 19.29
C PHE A 191 -5.75 20.88 20.67
N ARG A 192 -6.63 20.90 21.68
CA ARG A 192 -6.30 21.25 23.08
C ARG A 192 -6.86 20.18 24.01
N ALA A 193 -6.16 19.91 25.10
CA ALA A 193 -6.69 19.18 26.26
C ALA A 193 -7.88 19.95 26.79
N SER A 194 -8.83 19.27 27.44
CA SER A 194 -10.13 19.87 27.88
C SER A 194 -9.88 21.05 28.82
N ASP A 195 -8.85 20.97 29.67
CA ASP A 195 -8.44 22.03 30.65
C ASP A 195 -7.88 23.26 29.88
N GLU A 196 -7.34 23.05 28.66
CA GLU A 196 -6.72 24.13 27.83
C GLU A 196 -7.79 24.79 26.93
N SER A 197 -9.01 24.24 26.89
CA SER A 197 -10.03 24.58 25.88
C SER A 197 -10.26 26.10 25.86
N VAL A 198 -10.37 26.69 24.67
CA VAL A 198 -10.50 28.17 24.45
C VAL A 198 -11.87 28.49 23.82
N LEU A 199 -12.64 27.47 23.44
CA LEU A 199 -13.97 27.65 22.77
C LEU A 199 -15.02 26.78 23.45
N SER A 200 -16.27 27.26 23.46
CA SER A 200 -17.47 26.53 23.95
C SER A 200 -18.35 26.10 22.76
N MET A 201 -18.44 24.79 22.52
CA MET A 201 -19.29 24.18 21.46
C MET A 201 -20.77 24.50 21.73
N HIS A 202 -21.14 24.69 23.01
CA HIS A 202 -22.52 24.98 23.49
C HIS A 202 -22.97 26.35 22.99
N LYS A 203 -22.02 27.27 22.78
CA LYS A 203 -22.27 28.73 22.61
C LYS A 203 -22.36 29.07 21.10
N VAL A 204 -21.88 28.17 20.25
CA VAL A 204 -21.38 28.48 18.87
C VAL A 204 -22.47 29.18 18.07
N CYS A 205 -23.69 28.62 18.05
CA CYS A 205 -24.85 29.11 17.24
C CYS A 205 -25.18 30.57 17.63
N GLU A 206 -25.07 30.91 18.92
CA GLU A 206 -25.33 32.27 19.48
C GLU A 206 -24.25 33.24 18.97
N ALA A 207 -23.00 33.00 19.37
CA ALA A 207 -21.83 33.86 19.09
C ALA A 207 -21.67 34.07 17.58
N GLY A 208 -22.16 33.13 16.76
CA GLY A 208 -22.04 33.14 15.29
C GLY A 208 -20.61 32.80 14.86
N GLY A 209 -20.02 31.79 15.47
CA GLY A 209 -18.63 31.38 15.22
C GLY A 209 -18.08 30.50 16.33
N LEU A 210 -17.10 29.65 15.99
CA LEU A 210 -16.31 28.82 16.94
C LEU A 210 -15.31 29.71 17.67
N PHE A 211 -14.71 30.69 16.97
CA PHE A 211 -13.41 31.33 17.32
C PHE A 211 -13.62 32.82 17.67
N VAL A 212 -14.84 33.33 17.50
CA VAL A 212 -15.16 34.79 17.56
C VAL A 212 -14.81 35.33 18.95
N ASN A 213 -14.96 34.50 19.99
CA ASN A 213 -14.62 34.82 21.40
C ASN A 213 -13.52 33.86 21.86
N SER A 214 -12.47 33.70 21.05
CA SER A 214 -11.24 32.93 21.39
C SER A 214 -10.00 33.71 20.92
N PRO A 215 -8.82 33.45 21.52
CA PRO A 215 -7.62 34.26 21.26
C PRO A 215 -7.35 34.48 19.78
N GLU A 216 -6.82 35.67 19.43
CA GLU A 216 -6.31 36.01 18.08
C GLU A 216 -5.10 35.13 17.74
N GLU A 217 -4.09 35.11 18.62
CA GLU A 217 -2.83 34.33 18.45
C GLU A 217 -2.78 33.23 19.51
N PRO A 218 -3.62 32.18 19.41
CA PRO A 218 -3.67 31.15 20.45
C PRO A 218 -2.31 30.48 20.69
N SER A 219 -2.10 30.00 21.92
CA SER A 219 -0.87 29.30 22.35
C SER A 219 -0.95 27.80 21.99
N LEU A 220 0.15 27.09 22.19
CA LEU A 220 0.37 25.71 21.73
C LEU A 220 0.00 24.73 22.86
N SER A 221 -1.08 23.99 22.69
CA SER A 221 -1.51 22.89 23.62
C SER A 221 -0.31 21.99 23.93
N ARG A 222 -0.27 21.47 25.16
CA ARG A 222 0.78 20.53 25.62
C ARG A 222 0.69 19.21 24.81
N MET A 223 -0.42 18.98 24.12
CA MET A 223 -0.68 17.71 23.38
C MET A 223 0.19 17.64 22.13
N VAL A 224 0.63 18.80 21.61
CA VAL A 224 1.06 18.98 20.20
C VAL A 224 2.26 19.94 20.11
N THR A 225 3.12 19.72 19.10
CA THR A 225 4.21 20.64 18.70
C THR A 225 3.73 21.53 17.56
N GLU A 226 4.45 22.63 17.32
CA GLU A 226 4.31 23.52 16.13
C GLU A 226 4.35 22.66 14.85
N GLU A 227 5.34 21.79 14.72
CA GLU A 227 5.59 21.00 13.48
C GLU A 227 4.33 20.15 13.18
N GLU A 228 3.77 19.51 14.21
CA GLU A 228 2.55 18.67 14.12
C GLU A 228 1.37 19.53 13.65
N ILE A 229 1.25 20.76 14.13
CA ILE A 229 0.16 21.71 13.77
C ILE A 229 0.32 22.08 12.29
N GLN A 230 1.57 22.23 11.83
CA GLN A 230 1.92 22.74 10.49
C GLN A 230 1.63 21.65 9.46
N PHE A 231 1.64 20.38 9.88
CA PHE A 231 1.30 19.22 9.02
C PHE A 231 -0.20 19.23 8.70
N TYR A 232 -1.05 19.28 9.73
CA TYR A 232 -2.50 19.53 9.61
C TYR A 232 -2.73 20.72 8.69
N VAL A 233 -2.11 21.86 9.00
CA VAL A 233 -2.25 23.12 8.22
C VAL A 233 -1.98 22.80 6.76
N GLN A 234 -0.84 22.17 6.48
CA GLN A 234 -0.35 21.86 5.11
C GLN A 234 -1.39 21.00 4.38
N GLN A 235 -2.01 20.05 5.08
CA GLN A 235 -2.99 19.09 4.50
C GLN A 235 -4.26 19.86 4.07
N PHE A 236 -4.78 20.71 4.94
CA PHE A 236 -6.11 21.35 4.79
C PHE A 236 -6.04 22.48 3.76
N LYS A 237 -4.83 22.83 3.31
CA LYS A 237 -4.59 23.76 2.18
C LYS A 237 -5.06 23.10 0.87
N LYS A 238 -5.02 21.77 0.82
CA LYS A 238 -5.29 20.97 -0.41
C LYS A 238 -6.77 21.13 -0.81
N SER A 239 -7.70 20.84 0.09
CA SER A 239 -9.16 20.78 -0.24
C SER A 239 -9.99 21.65 0.69
N GLY A 240 -9.40 22.15 1.77
CA GLY A 240 -10.08 23.00 2.77
C GLY A 240 -11.10 22.21 3.58
N PHE A 241 -12.16 22.87 4.03
CA PHE A 241 -13.01 22.43 5.16
C PHE A 241 -14.40 22.01 4.66
N ARG A 242 -14.74 22.29 3.37
CA ARG A 242 -16.07 21.96 2.79
C ARG A 242 -16.30 20.44 2.86
N GLY A 243 -15.41 19.67 2.26
CA GLY A 243 -15.48 18.20 2.32
C GLY A 243 -15.68 17.73 3.75
N PRO A 244 -14.71 17.98 4.62
CA PRO A 244 -14.84 17.64 6.04
C PRO A 244 -16.18 18.05 6.65
N LEU A 245 -16.64 19.26 6.36
CA LEU A 245 -17.88 19.80 6.98
C LEU A 245 -19.09 19.05 6.42
N ASN A 246 -19.00 18.52 5.21
CA ASN A 246 -20.16 17.93 4.48
C ASN A 246 -20.64 16.66 5.21
N TRP A 247 -19.81 16.06 6.09
CA TRP A 247 -20.20 14.94 7.01
C TRP A 247 -21.37 15.40 7.91
N TYR A 248 -21.46 16.68 8.19
CA TYR A 248 -22.50 17.28 9.09
C TYR A 248 -23.80 17.52 8.31
N ARG A 249 -23.73 17.48 6.97
CA ARG A 249 -24.73 18.11 6.06
C ARG A 249 -25.56 17.02 5.40
N ASN A 250 -25.63 15.85 6.02
CA ASN A 250 -26.35 14.66 5.49
C ASN A 250 -27.14 14.01 6.63
N MET A 251 -27.64 14.81 7.55
CA MET A 251 -28.36 14.34 8.76
C MET A 251 -29.62 13.59 8.34
N GLU A 252 -30.36 14.14 7.38
CA GLU A 252 -31.66 13.58 6.94
C GLU A 252 -31.40 12.26 6.19
N ARG A 253 -30.45 12.25 5.26
CA ARG A 253 -30.04 11.03 4.51
C ARG A 253 -29.54 9.95 5.50
N ASN A 254 -28.66 10.32 6.42
CA ASN A 254 -28.04 9.38 7.41
C ASN A 254 -29.14 8.79 8.29
N TRP A 255 -30.04 9.64 8.77
CA TRP A 255 -31.18 9.24 9.62
C TRP A 255 -32.05 8.22 8.89
N LYS A 256 -32.43 8.50 7.63
CA LYS A 256 -33.33 7.64 6.82
C LYS A 256 -32.61 6.33 6.51
N TRP A 257 -31.31 6.37 6.27
CA TRP A 257 -30.48 5.16 6.02
C TRP A 257 -30.45 4.31 7.27
N ALA A 258 -30.11 4.90 8.42
CA ALA A 258 -29.90 4.19 9.71
C ALA A 258 -31.22 3.51 10.14
N CYS A 259 -32.36 4.18 9.94
CA CYS A 259 -33.73 3.66 10.22
C CYS A 259 -33.99 2.37 9.44
N LYS A 260 -33.37 2.22 8.25
CA LYS A 260 -33.58 1.07 7.30
C LYS A 260 -32.86 -0.18 7.83
N SER A 261 -32.11 -0.04 8.92
CA SER A 261 -31.52 -1.18 9.67
C SER A 261 -32.40 -1.51 10.87
N LEU A 262 -33.33 -0.63 11.22
CA LEU A 262 -33.82 -0.44 12.61
C LEU A 262 -33.96 -1.81 13.30
N GLY A 263 -33.36 -1.94 14.51
CA GLY A 263 -33.63 -3.04 15.45
C GLY A 263 -32.50 -4.05 15.48
N ARG A 264 -31.83 -4.27 14.34
CA ARG A 264 -30.85 -5.39 14.17
C ARG A 264 -29.61 -5.08 15.00
N LYS A 265 -29.14 -6.06 15.76
CA LYS A 265 -28.00 -5.93 16.70
C LYS A 265 -26.69 -6.10 15.92
N ILE A 266 -25.58 -5.75 16.54
CA ILE A 266 -24.21 -5.96 16.01
C ILE A 266 -23.57 -7.09 16.81
N LEU A 267 -23.47 -8.27 16.19
CA LEU A 267 -23.13 -9.55 16.86
C LEU A 267 -21.63 -9.82 16.74
N ILE A 268 -20.89 -8.95 16.04
CA ILE A 268 -19.41 -9.07 15.87
C ILE A 268 -18.73 -8.51 17.11
N PRO A 269 -17.43 -8.83 17.32
CA PRO A 269 -16.70 -8.33 18.50
C PRO A 269 -16.55 -6.81 18.43
N ALA A 270 -16.88 -6.12 19.53
CA ALA A 270 -17.06 -4.66 19.57
C ALA A 270 -16.35 -4.08 20.80
N LEU A 271 -15.89 -2.83 20.68
CA LEU A 271 -15.18 -2.08 21.74
C LEU A 271 -15.62 -0.62 21.71
N MET A 272 -16.15 -0.13 22.82
CA MET A 272 -16.45 1.30 23.05
C MET A 272 -15.42 1.88 24.03
N VAL A 273 -14.67 2.88 23.60
CA VAL A 273 -13.66 3.58 24.46
C VAL A 273 -14.15 4.98 24.70
N THR A 274 -14.50 5.29 25.96
CA THR A 274 -15.08 6.56 26.41
C THR A 274 -13.94 7.44 27.01
N ALA A 275 -14.03 8.76 26.82
CA ALA A 275 -13.08 9.77 27.31
C ALA A 275 -13.80 10.69 28.29
N GLU A 276 -13.36 10.67 29.56
CA GLU A 276 -13.98 11.32 30.73
C GLU A 276 -14.25 12.81 30.39
N LYS A 277 -13.41 13.44 29.57
CA LYS A 277 -13.38 14.91 29.40
C LYS A 277 -13.63 15.29 27.92
N ASP A 278 -14.27 14.42 27.16
CA ASP A 278 -15.01 14.81 25.93
C ASP A 278 -16.39 15.33 26.34
N PHE A 279 -16.61 16.62 26.21
CA PHE A 279 -17.81 17.34 26.70
C PHE A 279 -18.91 17.32 25.63
N VAL A 280 -18.58 16.80 24.45
CA VAL A 280 -19.50 16.65 23.30
C VAL A 280 -19.90 15.17 23.19
N LEU A 281 -18.94 14.29 22.98
CA LEU A 281 -19.15 12.82 22.95
C LEU A 281 -18.91 12.27 24.34
N VAL A 282 -19.81 12.59 25.27
CA VAL A 282 -19.61 12.35 26.73
C VAL A 282 -19.80 10.86 26.99
N PRO A 283 -19.03 10.28 27.92
CA PRO A 283 -19.14 8.86 28.22
C PRO A 283 -20.60 8.38 28.34
N GLN A 284 -21.47 9.14 29.03
CA GLN A 284 -22.84 8.72 29.43
C GLN A 284 -23.62 8.31 28.17
N MET A 285 -23.43 9.01 27.07
CA MET A 285 -24.21 8.84 25.82
C MET A 285 -24.15 7.37 25.34
N SER A 286 -23.12 6.62 25.75
CA SER A 286 -22.82 5.25 25.26
C SER A 286 -23.48 4.20 26.16
N GLN A 287 -24.38 4.64 27.08
CA GLN A 287 -24.69 3.92 28.36
C GLN A 287 -25.41 2.58 28.06
N HIS A 288 -26.31 2.54 27.08
CA HIS A 288 -27.19 1.38 26.83
C HIS A 288 -26.86 0.74 25.46
N MET A 289 -25.57 0.71 25.10
CA MET A 289 -25.10 0.14 23.81
C MET A 289 -25.04 -1.40 23.88
N GLU A 290 -25.02 -1.96 25.10
CA GLU A 290 -25.00 -3.44 25.35
C GLU A 290 -26.29 -4.08 24.78
N ASP A 291 -27.43 -3.45 25.00
CA ASP A 291 -28.77 -3.87 24.49
C ASP A 291 -28.70 -4.07 22.96
N TRP A 292 -28.02 -3.17 22.27
CA TRP A 292 -27.93 -3.13 20.79
C TRP A 292 -26.68 -3.93 20.30
N ILE A 293 -25.78 -4.33 21.20
CA ILE A 293 -24.44 -4.91 20.87
C ILE A 293 -24.04 -5.92 21.94
N PRO A 294 -24.48 -7.19 21.83
CA PRO A 294 -24.27 -8.18 22.89
C PRO A 294 -22.80 -8.32 23.33
N HIS A 295 -21.87 -8.34 22.37
CA HIS A 295 -20.44 -8.72 22.56
C HIS A 295 -19.55 -7.48 22.76
N LEU A 296 -20.10 -6.39 23.32
CA LEU A 296 -19.37 -5.09 23.52
C LEU A 296 -18.48 -5.19 24.76
N LYS A 297 -17.18 -5.01 24.57
CA LYS A 297 -16.20 -4.73 25.65
C LYS A 297 -15.99 -3.22 25.74
N ARG A 298 -15.43 -2.74 26.85
CA ARG A 298 -15.36 -1.30 27.18
C ARG A 298 -13.94 -0.93 27.60
N GLY A 299 -13.46 0.18 27.10
CA GLY A 299 -12.37 0.96 27.68
C GLY A 299 -12.85 2.34 28.05
N HIS A 300 -12.14 2.98 28.98
CA HIS A 300 -12.48 4.32 29.49
C HIS A 300 -11.20 4.98 29.97
N ILE A 301 -10.83 6.08 29.34
CA ILE A 301 -9.60 6.83 29.62
C ILE A 301 -9.96 8.06 30.44
N GLU A 302 -9.45 8.14 31.66
CA GLU A 302 -9.60 9.30 32.55
C GLU A 302 -8.66 10.42 32.09
N ASP A 303 -9.08 11.66 32.34
CA ASP A 303 -8.29 12.88 32.05
C ASP A 303 -8.08 13.01 30.53
N CYS A 304 -8.98 12.41 29.73
CA CYS A 304 -8.92 12.43 28.25
C CYS A 304 -10.07 13.28 27.69
N GLY A 305 -9.76 14.28 26.89
CA GLY A 305 -10.75 15.10 26.18
C GLY A 305 -11.15 14.47 24.82
N HIS A 306 -11.54 15.31 23.86
CA HIS A 306 -12.05 14.87 22.54
C HIS A 306 -10.94 14.20 21.75
N TRP A 307 -9.73 14.77 21.73
CA TRP A 307 -8.64 14.44 20.78
C TRP A 307 -7.88 13.24 21.28
N THR A 308 -8.58 12.14 21.45
CA THR A 308 -8.23 11.02 22.34
C THR A 308 -6.83 10.51 21.99
N GLN A 309 -6.52 10.37 20.72
CA GLN A 309 -5.34 9.65 20.21
C GLN A 309 -4.07 10.35 20.70
N MET A 310 -4.04 11.69 20.60
CA MET A 310 -2.83 12.51 20.89
C MET A 310 -2.86 13.03 22.34
N ASP A 311 -4.02 13.03 22.97
CA ASP A 311 -4.18 13.37 24.41
C ASP A 311 -3.53 12.27 25.26
N LYS A 312 -3.81 11.01 24.95
CA LYS A 312 -3.49 9.83 25.79
C LYS A 312 -3.06 8.67 24.89
N PRO A 313 -1.98 8.85 24.08
CA PRO A 313 -1.56 7.84 23.12
C PRO A 313 -1.30 6.47 23.76
N THR A 314 -0.62 6.45 24.91
CA THR A 314 -0.15 5.23 25.59
C THR A 314 -1.36 4.45 26.12
N GLU A 315 -2.37 5.15 26.63
CA GLU A 315 -3.64 4.54 27.14
C GLU A 315 -4.38 3.89 25.97
N VAL A 316 -4.68 4.67 24.95
CA VAL A 316 -5.32 4.21 23.69
C VAL A 316 -4.62 2.92 23.21
N ASN A 317 -3.28 2.95 23.14
CA ASN A 317 -2.46 1.83 22.58
C ASN A 317 -2.69 0.57 23.39
N GLN A 318 -2.65 0.69 24.72
CA GLN A 318 -2.74 -0.45 25.67
C GLN A 318 -4.15 -1.05 25.61
N ILE A 319 -5.19 -0.21 25.57
CA ILE A 319 -6.60 -0.65 25.45
C ILE A 319 -6.81 -1.39 24.11
N LEU A 320 -6.40 -0.79 22.98
CA LEU A 320 -6.63 -1.34 21.60
C LEU A 320 -5.92 -2.70 21.46
N ILE A 321 -4.62 -2.76 21.79
CA ILE A 321 -3.78 -4.01 21.62
C ILE A 321 -4.37 -5.13 22.51
N LYS A 322 -4.74 -4.81 23.75
CA LYS A 322 -5.36 -5.77 24.69
C LYS A 322 -6.61 -6.39 24.03
N TRP A 323 -7.49 -5.55 23.49
CA TRP A 323 -8.77 -5.96 22.89
C TRP A 323 -8.52 -6.66 21.55
N LEU A 324 -7.72 -6.07 20.68
CA LEU A 324 -7.25 -6.71 19.41
C LEU A 324 -6.79 -8.14 19.69
N ASP A 325 -5.86 -8.32 20.61
CA ASP A 325 -5.13 -9.61 20.82
C ASP A 325 -6.10 -10.64 21.40
N SER A 326 -7.18 -10.19 22.02
CA SER A 326 -8.13 -11.04 22.78
C SER A 326 -9.37 -11.35 21.93
N ASP A 327 -9.73 -10.49 20.98
CA ASP A 327 -11.10 -10.42 20.40
C ASP A 327 -11.05 -10.49 18.85
N ALA A 328 -9.87 -10.31 18.24
CA ALA A 328 -9.73 -10.08 16.78
C ALA A 328 -8.65 -10.99 16.17
N ARG A 329 -7.54 -11.24 16.92
CA ARG A 329 -6.36 -12.04 16.42
C ARG A 329 -6.72 -13.53 16.48
N PRO B 11 -6.97 -17.70 -16.36
CA PRO B 11 -6.56 -17.06 -15.06
C PRO B 11 -6.94 -15.57 -15.05
N THR B 12 -7.60 -15.13 -13.98
CA THR B 12 -7.98 -13.70 -13.79
C THR B 12 -6.71 -12.83 -13.82
N SER B 13 -6.79 -11.73 -14.57
CA SER B 13 -5.71 -10.76 -14.78
C SER B 13 -5.94 -9.54 -13.88
N CYS B 14 -5.22 -8.46 -14.15
CA CYS B 14 -5.31 -7.20 -13.38
C CYS B 14 -5.71 -6.05 -14.32
N ASN B 15 -6.68 -5.23 -13.90
CA ASN B 15 -6.90 -3.85 -14.42
C ASN B 15 -6.13 -2.85 -13.54
N PRO B 16 -5.12 -2.15 -14.11
CA PRO B 16 -4.29 -1.23 -13.32
C PRO B 16 -5.11 -0.24 -12.48
N SER B 17 -6.19 0.29 -13.06
CA SER B 17 -7.06 1.33 -12.47
C SER B 17 -7.67 0.85 -11.15
N ASP B 18 -7.74 -0.48 -10.93
CA ASP B 18 -8.57 -1.13 -9.88
C ASP B 18 -7.64 -1.69 -8.78
N MET B 19 -6.34 -1.56 -8.97
CA MET B 19 -5.34 -2.01 -7.99
C MET B 19 -5.15 -0.92 -6.94
N SER B 20 -4.79 -1.30 -5.73
CA SER B 20 -4.18 -0.44 -4.69
C SER B 20 -2.72 -0.15 -5.05
N HIS B 21 -2.38 1.12 -5.25
CA HIS B 21 -1.03 1.59 -5.64
C HIS B 21 -0.30 2.10 -4.41
N GLY B 22 0.89 1.56 -4.16
CA GLY B 22 1.70 1.85 -2.97
C GLY B 22 3.00 2.50 -3.36
N TYR B 23 3.46 3.44 -2.54
CA TYR B 23 4.64 4.27 -2.80
C TYR B 23 5.44 4.41 -1.51
N VAL B 24 6.74 4.23 -1.65
CA VAL B 24 7.70 4.21 -0.54
C VAL B 24 8.98 4.85 -1.02
N THR B 25 9.34 5.98 -0.42
CA THR B 25 10.67 6.63 -0.52
C THR B 25 11.68 5.79 0.24
N VAL B 26 12.63 5.20 -0.46
CA VAL B 26 13.72 4.39 0.17
C VAL B 26 14.97 5.27 0.29
N LYS B 27 14.93 6.50 -0.27
CA LYS B 27 16.01 7.51 -0.16
C LYS B 27 15.61 8.77 -0.92
N PRO B 28 16.28 9.92 -0.68
CA PRO B 28 15.71 11.22 -0.98
C PRO B 28 14.92 11.32 -2.30
N ARG B 29 15.55 10.97 -3.44
CA ARG B 29 14.96 11.18 -4.78
C ARG B 29 14.53 9.83 -5.39
N VAL B 30 14.29 8.83 -4.56
CA VAL B 30 14.07 7.44 -5.02
C VAL B 30 12.88 6.84 -4.27
N ARG B 31 11.73 6.79 -4.93
CA ARG B 31 10.49 6.11 -4.46
C ARG B 31 10.36 4.77 -5.20
N LEU B 32 9.94 3.72 -4.50
CA LEU B 32 9.48 2.45 -5.14
C LEU B 32 7.94 2.41 -5.17
N HIS B 33 7.38 2.12 -6.35
CA HIS B 33 5.92 1.88 -6.56
C HIS B 33 5.66 0.39 -6.52
N PHE B 34 4.55 0.00 -5.97
CA PHE B 34 4.09 -1.38 -5.99
C PHE B 34 2.58 -1.42 -6.01
N VAL B 35 2.07 -2.55 -6.44
CA VAL B 35 0.65 -2.90 -6.47
C VAL B 35 0.43 -3.95 -5.42
N GLU B 36 -0.65 -3.84 -4.68
CA GLU B 36 -0.88 -4.63 -3.46
C GLU B 36 -2.24 -5.28 -3.53
N LEU B 37 -2.31 -6.55 -3.21
CA LEU B 37 -3.56 -7.32 -3.22
C LEU B 37 -3.44 -8.46 -2.24
N GLY B 38 -4.41 -8.57 -1.35
CA GLY B 38 -4.64 -9.78 -0.55
C GLY B 38 -4.17 -9.60 0.87
N SER B 39 -4.38 -10.63 1.70
CA SER B 39 -4.00 -10.72 3.12
C SER B 39 -3.30 -12.04 3.37
N GLY B 40 -2.56 -12.12 4.47
CA GLY B 40 -1.69 -13.26 4.82
C GLY B 40 -0.21 -12.92 4.58
N PRO B 41 0.67 -13.95 4.56
CA PRO B 41 2.11 -13.73 4.40
C PRO B 41 2.47 -12.86 3.19
N ALA B 42 3.41 -11.93 3.40
CA ALA B 42 3.89 -10.96 2.40
C ALA B 42 4.71 -11.69 1.34
N VAL B 43 4.32 -11.53 0.09
CA VAL B 43 5.04 -12.04 -1.09
C VAL B 43 5.33 -10.87 -1.99
N CYS B 44 6.56 -10.77 -2.40
CA CYS B 44 7.10 -9.62 -3.10
C CYS B 44 7.61 -10.09 -4.43
N LEU B 45 6.91 -9.71 -5.49
CA LEU B 45 7.19 -10.14 -6.88
C LEU B 45 8.05 -9.10 -7.55
N CYS B 46 9.19 -9.49 -8.06
CA CYS B 46 10.21 -8.61 -8.65
C CYS B 46 10.41 -8.99 -10.10
N HIS B 47 9.86 -8.20 -11.00
CA HIS B 47 9.88 -8.47 -12.46
C HIS B 47 11.32 -8.35 -12.96
N GLY B 48 11.53 -8.73 -14.21
CA GLY B 48 12.82 -8.68 -14.89
C GLY B 48 12.86 -7.57 -15.91
N PHE B 49 13.82 -7.64 -16.82
CA PHE B 49 14.06 -6.68 -17.92
C PHE B 49 13.35 -7.16 -19.18
N PRO B 50 12.77 -6.23 -19.98
CA PRO B 50 12.42 -4.91 -19.53
C PRO B 50 10.91 -4.78 -19.27
N GLU B 51 10.48 -5.15 -18.07
CA GLU B 51 9.08 -5.49 -17.79
C GLU B 51 8.50 -4.48 -16.83
N SER B 52 7.73 -4.93 -15.86
CA SER B 52 6.73 -4.14 -15.12
C SER B 52 6.09 -5.01 -14.05
N TRP B 53 5.45 -4.40 -13.06
CA TRP B 53 4.58 -5.10 -12.10
C TRP B 53 3.51 -5.86 -12.88
N TYR B 54 3.09 -5.30 -14.00
CA TYR B 54 1.97 -5.81 -14.85
C TYR B 54 2.30 -7.22 -15.36
N SER B 55 3.60 -7.54 -15.53
CA SER B 55 4.10 -8.88 -15.87
C SER B 55 3.55 -9.94 -14.90
N TRP B 56 3.17 -9.55 -13.69
CA TRP B 56 2.63 -10.47 -12.64
C TRP B 56 1.09 -10.45 -12.64
N ARG B 57 0.47 -9.87 -13.66
CA ARG B 57 -1.00 -9.64 -13.71
C ARG B 57 -1.78 -10.96 -13.52
N TYR B 58 -1.24 -12.11 -13.94
CA TYR B 58 -1.95 -13.43 -13.84
C TYR B 58 -1.63 -14.10 -12.49
N GLN B 59 -0.50 -13.75 -11.87
CA GLN B 59 -0.09 -14.34 -10.57
C GLN B 59 -0.81 -13.61 -9.43
N ILE B 60 -0.92 -12.31 -9.54
CA ILE B 60 -1.31 -11.42 -8.40
C ILE B 60 -2.69 -11.84 -7.91
N PRO B 61 -3.69 -11.95 -8.80
CA PRO B 61 -5.03 -12.31 -8.36
C PRO B 61 -5.06 -13.71 -7.74
N ALA B 62 -4.23 -14.63 -8.25
CA ALA B 62 -4.23 -16.06 -7.85
C ALA B 62 -3.54 -16.23 -6.48
N LEU B 63 -2.39 -15.59 -6.28
CA LEU B 63 -1.65 -15.61 -5.00
C LEU B 63 -2.51 -14.97 -3.89
N ALA B 64 -3.20 -13.88 -4.18
CA ALA B 64 -4.11 -13.21 -3.23
C ALA B 64 -5.22 -14.17 -2.85
N GLN B 65 -5.87 -14.77 -3.85
CA GLN B 65 -6.95 -15.81 -3.69
C GLN B 65 -6.41 -16.98 -2.84
N ALA B 66 -5.14 -17.31 -2.99
CA ALA B 66 -4.49 -18.49 -2.37
C ALA B 66 -4.23 -18.22 -0.88
N GLY B 67 -4.31 -16.95 -0.46
CA GLY B 67 -4.20 -16.52 0.95
C GLY B 67 -2.89 -15.77 1.22
N TYR B 68 -2.48 -14.91 0.30
CA TYR B 68 -1.19 -14.21 0.37
C TYR B 68 -1.39 -12.73 0.12
N ARG B 69 -0.60 -11.92 0.81
CA ARG B 69 -0.50 -10.46 0.59
C ARG B 69 0.60 -10.22 -0.42
N VAL B 70 0.20 -9.85 -1.64
CA VAL B 70 1.07 -9.70 -2.82
C VAL B 70 1.48 -8.25 -2.93
N LEU B 71 2.78 -8.00 -3.01
CA LEU B 71 3.34 -6.70 -3.42
C LEU B 71 4.05 -6.88 -4.74
N ALA B 72 3.52 -6.30 -5.79
CA ALA B 72 4.04 -6.43 -7.15
C ALA B 72 4.74 -5.15 -7.50
N MET B 73 6.08 -5.19 -7.50
CA MET B 73 6.96 -4.01 -7.62
C MET B 73 6.94 -3.52 -9.08
N ASP B 74 7.04 -2.21 -9.28
CA ASP B 74 7.91 -1.59 -10.30
C ASP B 74 9.31 -1.51 -9.73
N MET B 75 10.21 -2.38 -10.18
CA MET B 75 11.62 -2.38 -9.78
C MET B 75 12.21 -1.04 -10.15
N LYS B 76 13.31 -0.64 -9.52
CA LYS B 76 13.89 0.71 -9.71
C LYS B 76 14.25 0.87 -11.20
N GLY B 77 13.85 2.00 -11.78
CA GLY B 77 14.08 2.34 -13.19
C GLY B 77 12.81 2.22 -14.01
N TYR B 78 11.79 1.52 -13.50
CA TYR B 78 10.61 1.08 -14.28
C TYR B 78 9.37 1.86 -13.81
N GLY B 79 8.48 2.15 -14.76
CA GLY B 79 7.07 2.51 -14.49
C GLY B 79 6.96 3.72 -13.57
N GLU B 80 6.50 3.52 -12.35
CA GLU B 80 6.18 4.62 -11.41
C GLU B 80 7.26 4.70 -10.32
N SER B 81 8.12 3.67 -10.23
CA SER B 81 9.36 3.69 -9.44
C SER B 81 10.34 4.68 -10.05
N SER B 82 11.01 5.47 -9.22
CA SER B 82 12.05 6.44 -9.61
C SER B 82 13.11 5.75 -10.47
N ALA B 83 13.65 6.49 -11.41
CA ALA B 83 14.75 6.10 -12.31
C ALA B 83 15.91 7.09 -12.12
N PRO B 84 16.62 7.04 -10.97
CA PRO B 84 17.72 7.96 -10.74
C PRO B 84 18.77 7.80 -11.85
N PRO B 85 19.43 8.89 -12.26
CA PRO B 85 20.21 8.91 -13.49
C PRO B 85 21.56 8.16 -13.40
N GLU B 86 22.04 7.89 -12.19
CA GLU B 86 23.41 7.32 -11.96
C GLU B 86 23.38 5.82 -12.27
N ILE B 87 24.36 5.35 -13.02
CA ILE B 87 24.48 3.95 -13.49
C ILE B 87 24.65 3.03 -12.28
N GLU B 88 25.48 3.43 -11.30
CA GLU B 88 25.87 2.59 -10.13
C GLU B 88 24.72 2.52 -9.11
N GLU B 89 23.62 3.25 -9.34
CA GLU B 89 22.37 3.15 -8.52
C GLU B 89 21.68 1.80 -8.81
N TYR B 90 22.05 1.11 -9.89
CA TYR B 90 21.40 -0.14 -10.37
C TYR B 90 22.37 -1.33 -10.23
N CYS B 91 23.42 -1.18 -9.44
CA CYS B 91 24.22 -2.33 -8.97
C CYS B 91 23.41 -3.08 -7.92
N MET B 92 23.60 -4.38 -7.84
CA MET B 92 22.75 -5.27 -7.03
C MET B 92 22.82 -4.80 -5.58
N GLU B 93 24.01 -4.47 -5.09
CA GLU B 93 24.23 -3.97 -3.71
C GLU B 93 23.15 -2.94 -3.35
N VAL B 94 23.07 -1.86 -4.11
CA VAL B 94 22.17 -0.70 -3.83
C VAL B 94 20.74 -1.19 -3.94
N LEU B 95 20.45 -1.97 -4.99
CA LEU B 95 19.10 -2.46 -5.31
C LEU B 95 18.58 -3.31 -4.17
N CYS B 96 19.42 -4.16 -3.60
CA CYS B 96 19.07 -5.02 -2.45
C CYS B 96 18.89 -4.18 -1.16
N LYS B 97 19.83 -3.27 -0.85
CA LYS B 97 19.74 -2.38 0.36
C LYS B 97 18.38 -1.65 0.31
N GLU B 98 17.97 -1.20 -0.88
CA GLU B 98 16.78 -0.36 -1.11
C GLU B 98 15.51 -1.20 -0.90
N MET B 99 15.56 -2.50 -1.25
CA MET B 99 14.44 -3.43 -1.02
C MET B 99 14.32 -3.71 0.47
N VAL B 100 15.44 -3.85 1.17
CA VAL B 100 15.47 -4.03 2.63
C VAL B 100 14.84 -2.78 3.31
N THR B 101 15.20 -1.59 2.84
CA THR B 101 14.63 -0.29 3.30
C THR B 101 13.12 -0.26 2.97
N PHE B 102 12.74 -0.89 1.88
CA PHE B 102 11.34 -1.02 1.44
C PHE B 102 10.57 -1.80 2.48
N LEU B 103 11.09 -2.95 2.88
CA LEU B 103 10.50 -3.79 3.94
C LEU B 103 10.42 -2.96 5.23
N ASP B 104 11.53 -2.32 5.63
CA ASP B 104 11.62 -1.52 6.89
C ASP B 104 10.45 -0.53 6.94
N LYS B 105 10.19 0.19 5.85
CA LYS B 105 9.25 1.34 5.83
C LYS B 105 7.81 0.85 5.81
N LEU B 106 7.59 -0.40 5.43
CA LEU B 106 6.27 -1.04 5.42
C LEU B 106 6.06 -1.79 6.74
N GLY B 107 7.07 -1.85 7.58
CA GLY B 107 7.02 -2.59 8.87
C GLY B 107 6.89 -4.09 8.66
N LEU B 108 7.60 -4.63 7.66
CA LEU B 108 7.67 -6.08 7.37
C LEU B 108 9.02 -6.64 7.86
N SER B 109 8.98 -7.62 8.76
CA SER B 109 10.19 -8.31 9.28
CA SER B 109 10.19 -8.31 9.28
C SER B 109 10.79 -9.19 8.19
N GLN B 110 9.96 -9.70 7.31
CA GLN B 110 10.41 -10.42 6.11
C GLN B 110 9.29 -10.52 5.11
N ALA B 111 9.63 -11.01 3.93
CA ALA B 111 8.72 -11.35 2.85
C ALA B 111 9.18 -12.65 2.23
N VAL B 112 8.28 -13.33 1.55
CA VAL B 112 8.64 -14.22 0.44
C VAL B 112 8.98 -13.34 -0.75
N PHE B 113 10.15 -13.58 -1.34
CA PHE B 113 10.62 -12.91 -2.57
C PHE B 113 10.53 -13.89 -3.74
N ILE B 114 9.75 -13.54 -4.73
CA ILE B 114 9.63 -14.27 -6.02
C ILE B 114 10.08 -13.33 -7.12
N GLY B 115 11.13 -13.73 -7.84
CA GLY B 115 11.70 -12.94 -8.94
C GLY B 115 11.68 -13.68 -10.26
N HIS B 116 11.74 -12.92 -11.34
CA HIS B 116 11.90 -13.42 -12.72
C HIS B 116 12.97 -12.62 -13.42
N ASP B 117 13.93 -13.30 -14.05
CA ASP B 117 14.93 -12.65 -14.90
C ASP B 117 15.85 -11.82 -13.98
N TRP B 118 16.04 -10.53 -14.24
CA TRP B 118 16.88 -9.64 -13.38
C TRP B 118 16.29 -9.61 -11.98
N GLY B 119 14.94 -9.60 -11.86
CA GLY B 119 14.20 -9.75 -10.59
C GLY B 119 14.60 -11.03 -9.85
N GLY B 120 14.78 -12.10 -10.58
CA GLY B 120 15.24 -13.38 -10.03
C GLY B 120 16.65 -13.28 -9.45
N MET B 121 17.52 -12.52 -10.09
CA MET B 121 18.91 -12.34 -9.67
C MET B 121 18.92 -11.51 -8.37
N LEU B 122 18.02 -10.53 -8.29
CA LEU B 122 17.85 -9.66 -7.09
C LEU B 122 17.45 -10.52 -5.88
N VAL B 123 16.50 -11.43 -6.07
CA VAL B 123 15.87 -12.19 -4.96
C VAL B 123 16.81 -13.31 -4.52
N TRP B 124 17.61 -13.88 -5.43
CA TRP B 124 18.75 -14.76 -5.04
C TRP B 124 19.69 -13.98 -4.09
N TYR B 125 20.00 -12.72 -4.40
CA TYR B 125 21.05 -11.93 -3.70
C TYR B 125 20.50 -11.34 -2.39
N MET B 126 19.19 -11.01 -2.35
CA MET B 126 18.43 -10.75 -1.09
C MET B 126 18.57 -11.97 -0.17
N ALA B 127 18.33 -13.16 -0.69
CA ALA B 127 18.32 -14.43 0.04
C ALA B 127 19.73 -14.76 0.52
N LEU B 128 20.74 -14.33 -0.23
CA LEU B 128 22.17 -14.60 0.09
C LEU B 128 22.62 -13.66 1.24
N PHE B 129 22.36 -12.35 1.13
CA PHE B 129 22.96 -11.28 1.98
C PHE B 129 21.96 -10.82 3.06
N TYR B 130 20.65 -11.06 2.89
CA TYR B 130 19.59 -10.59 3.85
C TYR B 130 18.60 -11.72 4.14
N PRO B 131 19.11 -12.94 4.42
CA PRO B 131 18.23 -14.09 4.65
C PRO B 131 17.26 -13.86 5.80
N GLU B 132 17.67 -13.10 6.80
CA GLU B 132 16.84 -12.80 7.99
C GLU B 132 15.55 -12.08 7.53
N ARG B 133 15.59 -11.39 6.38
CA ARG B 133 14.44 -10.59 5.84
C ARG B 133 13.67 -11.39 4.76
N VAL B 134 14.14 -12.58 4.40
CA VAL B 134 13.54 -13.37 3.31
C VAL B 134 13.06 -14.71 3.87
N ARG B 135 11.73 -14.83 4.04
N ARG B 135 11.73 -14.82 4.11
CA ARG B 135 11.03 -16.02 4.62
CA ARG B 135 11.05 -16.05 4.61
C ARG B 135 11.25 -17.22 3.70
C ARG B 135 11.39 -17.21 3.70
N ALA B 136 11.36 -16.97 2.39
CA ALA B 136 11.64 -17.97 1.36
C ALA B 136 11.77 -17.26 0.03
N VAL B 137 12.50 -17.86 -0.92
CA VAL B 137 12.91 -17.22 -2.20
C VAL B 137 12.59 -18.18 -3.38
N ALA B 138 12.13 -17.64 -4.48
CA ALA B 138 11.83 -18.37 -5.74
C ALA B 138 12.29 -17.54 -6.91
N SER B 139 12.95 -18.16 -7.87
CA SER B 139 13.36 -17.55 -9.15
C SER B 139 12.68 -18.28 -10.29
N LEU B 140 12.09 -17.52 -11.19
CA LEU B 140 11.63 -17.98 -12.52
C LEU B 140 12.77 -17.78 -13.51
N ASN B 141 13.24 -18.87 -14.09
CA ASN B 141 14.23 -18.93 -15.19
C ASN B 141 15.64 -18.68 -14.63
N THR B 142 15.82 -17.66 -13.79
CA THR B 142 17.16 -17.15 -13.40
C THR B 142 17.81 -18.11 -12.41
N PRO B 143 18.98 -18.69 -12.75
CA PRO B 143 19.72 -19.52 -11.81
C PRO B 143 20.47 -18.64 -10.81
N PHE B 144 20.91 -19.25 -9.71
CA PHE B 144 21.91 -18.67 -8.80
C PHE B 144 23.27 -19.35 -9.03
N ILE B 145 24.12 -18.75 -9.85
CA ILE B 145 25.55 -19.16 -10.08
C ILE B 145 26.45 -18.27 -9.22
N PRO B 146 27.15 -18.83 -8.24
CA PRO B 146 28.06 -18.03 -7.41
C PRO B 146 29.18 -17.45 -8.27
N ALA B 147 29.56 -16.20 -8.01
CA ALA B 147 30.72 -15.52 -8.64
C ALA B 147 31.99 -16.34 -8.40
N ASN B 148 32.68 -16.71 -9.47
CA ASN B 148 34.05 -17.29 -9.39
C ASN B 148 35.04 -16.14 -9.32
N PRO B 149 35.81 -16.02 -8.23
CA PRO B 149 36.70 -14.87 -8.05
C PRO B 149 37.91 -14.97 -8.99
N ASN B 150 38.11 -16.13 -9.64
CA ASN B 150 39.16 -16.36 -10.67
C ASN B 150 38.59 -16.01 -12.05
N MET B 151 37.27 -15.85 -12.16
CA MET B 151 36.54 -15.62 -13.44
C MET B 151 35.82 -14.25 -13.40
N SER B 152 36.43 -13.22 -14.02
CA SER B 152 35.86 -11.85 -14.20
C SER B 152 34.54 -11.92 -15.00
N PRO B 153 33.68 -10.88 -14.95
CA PRO B 153 32.43 -10.87 -15.71
C PRO B 153 32.64 -10.88 -17.25
N LEU B 154 33.49 -9.97 -17.77
CA LEU B 154 33.81 -9.84 -19.22
C LEU B 154 34.35 -11.19 -19.73
N GLU B 155 34.96 -11.99 -18.85
CA GLU B 155 35.36 -13.40 -19.13
C GLU B 155 34.11 -14.25 -19.35
N SER B 156 33.14 -14.18 -18.44
CA SER B 156 31.92 -15.04 -18.37
C SER B 156 31.09 -14.87 -19.66
N ILE B 157 31.01 -13.64 -20.17
CA ILE B 157 30.17 -13.24 -21.34
C ILE B 157 30.80 -13.84 -22.63
N LYS B 158 31.96 -13.31 -23.04
CA LYS B 158 32.76 -13.83 -24.20
C LYS B 158 33.69 -14.96 -23.71
N ALA B 159 33.21 -15.81 -22.78
CA ALA B 159 33.73 -17.18 -22.52
C ALA B 159 32.97 -18.19 -23.38
N PRO B 161 28.50 -16.83 -24.14
CA PRO B 161 28.54 -16.33 -25.55
C PRO B 161 27.15 -15.91 -26.05
N VAL B 162 26.12 -16.71 -25.72
CA VAL B 162 24.67 -16.33 -25.81
C VAL B 162 24.49 -14.92 -25.21
N PHE B 163 25.43 -14.51 -24.35
CA PHE B 163 25.36 -13.28 -23.51
C PHE B 163 26.15 -12.12 -24.15
N ASP B 164 26.56 -12.27 -25.42
CA ASP B 164 27.29 -11.24 -26.21
C ASP B 164 26.45 -9.95 -26.24
N TYR B 165 25.12 -10.05 -26.29
CA TYR B 165 24.17 -8.90 -26.40
C TYR B 165 24.36 -7.96 -25.20
N GLN B 166 24.86 -8.47 -24.09
CA GLN B 166 25.08 -7.69 -22.86
C GLN B 166 26.16 -6.63 -23.13
N LEU B 167 27.07 -6.88 -24.09
CA LEU B 167 28.14 -5.92 -24.50
C LEU B 167 27.50 -4.73 -25.23
N TYR B 168 26.54 -5.01 -26.13
CA TYR B 168 25.73 -3.99 -26.86
C TYR B 168 24.98 -3.12 -25.86
N PHE B 169 24.64 -3.66 -24.70
CA PHE B 169 23.82 -2.97 -23.67
C PHE B 169 24.68 -2.02 -22.83
N GLN B 170 26.01 -2.08 -22.98
CA GLN B 170 26.99 -1.42 -22.06
C GLN B 170 27.00 0.11 -22.27
N GLU B 171 27.31 0.55 -23.49
CA GLU B 171 27.50 1.99 -23.85
C GLU B 171 26.18 2.74 -23.63
N PRO B 172 26.11 3.65 -22.63
CA PRO B 172 24.91 4.43 -22.38
C PRO B 172 24.49 5.25 -23.61
N GLY B 173 23.20 5.23 -23.92
CA GLY B 173 22.60 5.92 -25.07
C GLY B 173 22.27 4.97 -26.19
N VAL B 174 23.15 4.00 -26.47
CA VAL B 174 23.18 3.21 -27.73
C VAL B 174 21.93 2.34 -27.81
N ALA B 175 21.78 1.37 -26.92
CA ALA B 175 20.65 0.41 -26.91
C ALA B 175 19.34 1.16 -26.56
N GLU B 176 19.45 2.29 -25.85
CA GLU B 176 18.31 3.16 -25.50
C GLU B 176 17.62 3.62 -26.78
N ALA B 177 18.40 3.97 -27.80
CA ALA B 177 17.92 4.58 -29.07
C ALA B 177 17.13 3.54 -29.85
N GLU B 178 17.66 2.32 -29.96
CA GLU B 178 16.98 1.19 -30.63
C GLU B 178 15.64 0.94 -29.93
N LEU B 179 15.66 0.81 -28.61
CA LEU B 179 14.54 0.30 -27.81
C LEU B 179 13.48 1.39 -27.63
N GLU B 180 13.87 2.64 -27.70
CA GLU B 180 12.96 3.83 -27.53
C GLU B 180 12.45 4.29 -28.93
N GLN B 181 13.11 3.87 -30.01
CA GLN B 181 12.74 4.22 -31.41
C GLN B 181 11.22 4.08 -31.59
N ASN B 182 10.70 2.89 -31.31
CA ASN B 182 9.30 2.50 -31.55
C ASN B 182 8.91 1.49 -30.47
N LEU B 183 8.19 1.95 -29.45
CA LEU B 183 7.96 1.21 -28.19
C LEU B 183 7.04 0.02 -28.47
N SER B 184 6.02 0.22 -29.30
CA SER B 184 5.10 -0.87 -29.78
C SER B 184 5.93 -1.95 -30.45
N ARG B 185 6.82 -1.57 -31.35
CA ARG B 185 7.75 -2.49 -32.06
C ARG B 185 8.55 -3.28 -31.02
N THR B 186 9.18 -2.56 -30.08
CA THR B 186 10.06 -3.13 -29.02
C THR B 186 9.33 -4.30 -28.35
N PHE B 187 8.08 -4.09 -27.91
CA PHE B 187 7.37 -4.95 -26.93
C PHE B 187 6.66 -6.10 -27.66
N LYS B 188 6.05 -5.82 -28.79
CA LYS B 188 5.52 -6.88 -29.70
C LYS B 188 6.67 -7.80 -30.10
N SER B 189 7.88 -7.25 -30.28
CA SER B 189 9.10 -7.99 -30.74
C SER B 189 9.60 -8.92 -29.64
N LEU B 190 9.58 -8.45 -28.39
CA LEU B 190 10.16 -9.16 -27.23
C LEU B 190 9.17 -10.19 -26.70
N PHE B 191 7.97 -9.75 -26.35
CA PHE B 191 6.97 -10.55 -25.60
C PHE B 191 6.36 -11.57 -26.56
N ARG B 192 7.14 -12.58 -26.97
CA ARG B 192 6.71 -13.69 -27.86
C ARG B 192 7.08 -15.02 -27.23
N ALA B 193 6.25 -16.04 -27.42
CA ALA B 193 6.59 -17.46 -27.19
C ALA B 193 7.86 -17.77 -27.98
N SER B 194 8.66 -18.74 -27.55
CA SER B 194 9.98 -19.03 -28.17
C SER B 194 9.80 -19.47 -29.63
N ASP B 195 8.67 -20.13 -29.97
CA ASP B 195 8.34 -20.58 -31.38
C ASP B 195 7.99 -19.35 -32.23
N GLU B 196 7.52 -18.26 -31.63
CA GLU B 196 7.14 -16.99 -32.33
C GLU B 196 8.37 -16.06 -32.48
N SER B 197 9.49 -16.41 -31.87
CA SER B 197 10.67 -15.52 -31.71
C SER B 197 11.07 -14.92 -33.06
N VAL B 198 11.37 -13.63 -33.08
CA VAL B 198 11.81 -12.84 -34.27
C VAL B 198 13.24 -12.33 -34.05
N LEU B 199 13.80 -12.55 -32.83
CA LEU B 199 15.20 -12.14 -32.42
C LEU B 199 16.12 -13.37 -32.41
N SER B 200 17.41 -13.15 -32.68
CA SER B 200 18.54 -13.98 -32.19
C SER B 200 19.35 -13.20 -31.15
N MET B 201 19.26 -13.56 -29.88
CA MET B 201 20.02 -12.93 -28.76
C MET B 201 21.53 -13.19 -28.97
N HIS B 202 21.88 -14.32 -29.60
CA HIS B 202 23.29 -14.75 -29.78
C HIS B 202 23.93 -13.95 -30.90
N LYS B 203 23.11 -13.29 -31.74
CA LYS B 203 23.55 -12.60 -32.99
C LYS B 203 23.82 -11.11 -32.71
N VAL B 204 23.30 -10.60 -31.59
CA VAL B 204 23.00 -9.15 -31.37
C VAL B 204 24.27 -8.32 -31.59
N CYS B 205 25.39 -8.72 -30.96
CA CYS B 205 26.70 -8.00 -30.98
C CYS B 205 27.19 -7.83 -32.43
N GLU B 206 26.99 -8.86 -33.28
CA GLU B 206 27.38 -8.88 -34.72
C GLU B 206 26.51 -7.87 -35.49
N ALA B 207 25.19 -8.13 -35.54
CA ALA B 207 24.19 -7.36 -36.32
C ALA B 207 24.21 -5.87 -35.90
N GLY B 208 24.66 -5.58 -34.69
CA GLY B 208 24.68 -4.21 -34.10
C GLY B 208 23.28 -3.74 -33.75
N GLY B 209 22.46 -4.60 -33.16
CA GLY B 209 21.04 -4.32 -32.88
C GLY B 209 20.27 -5.58 -32.55
N LEU B 210 19.23 -5.44 -31.71
CA LEU B 210 18.24 -6.50 -31.38
C LEU B 210 17.30 -6.73 -32.57
N PHE B 211 16.91 -5.66 -33.26
CA PHE B 211 15.69 -5.58 -34.11
C PHE B 211 16.06 -5.37 -35.58
N VAL B 212 17.35 -5.17 -35.87
CA VAL B 212 17.87 -4.72 -37.21
C VAL B 212 17.46 -5.75 -38.29
N ASN B 213 17.34 -7.03 -37.91
CA ASN B 213 16.96 -8.14 -38.83
C ASN B 213 15.58 -8.71 -38.45
N SER B 214 14.69 -7.91 -37.88
CA SER B 214 13.35 -8.35 -37.41
C SER B 214 12.26 -7.44 -37.99
N PRO B 215 10.99 -7.91 -38.08
CA PRO B 215 9.97 -7.21 -38.85
C PRO B 215 9.87 -5.72 -38.49
N GLU B 216 9.51 -4.87 -39.47
CA GLU B 216 9.18 -3.43 -39.27
C GLU B 216 7.92 -3.33 -38.40
N GLU B 217 6.83 -3.97 -38.83
CA GLU B 217 5.53 -4.00 -38.10
C GLU B 217 5.26 -5.41 -37.62
N PRO B 218 5.95 -5.89 -36.56
CA PRO B 218 5.78 -7.26 -36.08
C PRO B 218 4.32 -7.57 -35.73
N SER B 219 3.96 -8.85 -35.77
CA SER B 219 2.61 -9.37 -35.44
C SER B 219 2.48 -9.56 -33.92
N LEU B 220 1.26 -9.83 -33.46
CA LEU B 220 0.88 -9.86 -32.04
C LEU B 220 0.97 -11.29 -31.53
N SER B 221 1.96 -11.58 -30.66
CA SER B 221 2.16 -12.89 -30.01
C SER B 221 0.83 -13.37 -29.44
N ARG B 222 0.60 -14.68 -29.47
CA ARG B 222 -0.61 -15.34 -28.91
C ARG B 222 -0.65 -15.11 -27.39
N MET B 223 0.47 -14.73 -26.77
CA MET B 223 0.60 -14.59 -25.30
C MET B 223 -0.14 -13.35 -24.82
N VAL B 224 -0.37 -12.35 -25.71
CA VAL B 224 -0.51 -10.90 -25.36
C VAL B 224 -1.50 -10.22 -26.31
N THR B 225 -2.28 -9.27 -25.78
CA THR B 225 -3.23 -8.41 -26.54
C THR B 225 -2.59 -7.07 -26.83
N GLU B 226 -3.20 -6.31 -27.74
CA GLU B 226 -2.84 -4.90 -28.04
C GLU B 226 -2.87 -4.08 -26.76
N GLU B 227 -3.97 -4.18 -25.99
CA GLU B 227 -4.18 -3.38 -24.74
C GLU B 227 -2.98 -3.58 -23.83
N GLU B 228 -2.59 -4.83 -23.61
CA GLU B 228 -1.50 -5.24 -22.71
C GLU B 228 -0.18 -4.63 -23.18
N ILE B 229 0.06 -4.61 -24.48
CA ILE B 229 1.30 -4.05 -25.09
C ILE B 229 1.31 -2.55 -24.88
N GLN B 230 0.15 -1.91 -24.94
CA GLN B 230 0.02 -0.43 -24.91
C GLN B 230 0.24 0.05 -23.47
N PHE B 231 0.02 -0.84 -22.49
CA PHE B 231 0.28 -0.56 -21.05
C PHE B 231 1.80 -0.45 -20.84
N TYR B 232 2.55 -1.49 -21.22
CA TYR B 232 4.02 -1.49 -21.26
C TYR B 232 4.49 -0.21 -21.96
N VAL B 233 3.99 0.04 -23.16
CA VAL B 233 4.37 1.22 -23.99
C VAL B 233 4.19 2.47 -23.15
N GLN B 234 3.00 2.63 -22.56
CA GLN B 234 2.60 3.84 -21.77
C GLN B 234 3.59 4.03 -20.60
N GLN B 235 4.02 2.92 -19.98
CA GLN B 235 4.91 2.94 -18.79
C GLN B 235 6.30 3.44 -19.19
N PHE B 236 6.84 2.92 -20.27
CA PHE B 236 8.26 3.12 -20.68
C PHE B 236 8.44 4.50 -21.29
N LYS B 237 7.34 5.23 -21.50
CA LYS B 237 7.35 6.66 -21.93
C LYS B 237 7.85 7.52 -20.77
N LYS B 238 7.67 7.04 -19.54
CA LYS B 238 7.92 7.81 -18.30
C LYS B 238 9.43 8.01 -18.13
N SER B 239 10.23 6.95 -18.23
CA SER B 239 11.68 6.99 -17.90
C SER B 239 12.53 6.47 -19.06
N GLY B 240 11.91 5.78 -20.02
CA GLY B 240 12.62 5.05 -21.10
C GLY B 240 13.44 3.89 -20.56
N PHE B 241 14.57 3.60 -21.20
CA PHE B 241 15.23 2.29 -21.16
C PHE B 241 16.57 2.37 -20.40
N ARG B 242 17.04 3.58 -20.09
N ARG B 242 17.04 3.58 -20.10
CA ARG B 242 18.37 3.80 -19.43
CA ARG B 242 18.35 3.84 -19.42
C ARG B 242 18.38 3.12 -18.05
C ARG B 242 18.37 3.14 -18.05
N GLY B 243 17.42 3.47 -17.19
CA GLY B 243 17.29 2.86 -15.86
C GLY B 243 17.30 1.34 -15.99
N PRO B 244 16.28 0.77 -16.69
CA PRO B 244 16.26 -0.65 -16.97
C PRO B 244 17.60 -1.21 -17.45
N LEU B 245 18.24 -0.56 -18.39
CA LEU B 245 19.47 -1.08 -19.03
C LEU B 245 20.64 -1.03 -18.01
N ASN B 246 20.60 -0.11 -17.04
CA ASN B 246 21.73 0.15 -16.10
C ASN B 246 21.96 -1.07 -15.18
N TRP B 247 20.96 -1.97 -15.04
CA TRP B 247 21.11 -3.31 -14.38
C TRP B 247 22.24 -4.11 -15.07
N TYR B 248 22.48 -3.87 -16.36
CA TYR B 248 23.50 -4.60 -17.18
C TYR B 248 24.89 -3.99 -16.98
N ARG B 249 24.94 -2.78 -16.41
CA ARG B 249 26.08 -1.86 -16.51
C ARG B 249 26.82 -1.80 -15.17
N ASN B 250 26.69 -2.85 -14.37
CA ASN B 250 27.28 -2.93 -13.01
C ASN B 250 27.88 -4.32 -12.82
N MET B 251 28.43 -4.90 -13.89
CA MET B 251 28.90 -6.30 -13.89
C MET B 251 30.08 -6.41 -12.93
N GLU B 252 31.00 -5.45 -13.00
CA GLU B 252 32.25 -5.45 -12.20
C GLU B 252 31.88 -5.24 -10.73
N ARG B 253 31.04 -4.26 -10.44
CA ARG B 253 30.56 -3.95 -9.05
C ARG B 253 29.85 -5.17 -8.47
N ASN B 254 28.93 -5.76 -9.22
CA ASN B 254 28.10 -6.94 -8.80
C ASN B 254 29.03 -8.12 -8.53
N TRP B 255 30.00 -8.35 -9.41
CA TRP B 255 30.97 -9.45 -9.30
C TRP B 255 31.75 -9.30 -7.99
N LYS B 256 32.31 -8.10 -7.73
CA LYS B 256 33.19 -7.84 -6.56
C LYS B 256 32.35 -7.96 -5.28
N TRP B 257 31.10 -7.51 -5.33
CA TRP B 257 30.14 -7.62 -4.22
C TRP B 257 29.86 -9.10 -3.92
N ALA B 258 29.46 -9.86 -4.93
CA ALA B 258 29.00 -11.26 -4.80
C ALA B 258 30.16 -12.14 -4.30
N CYS B 259 31.39 -11.86 -4.72
CA CYS B 259 32.64 -12.56 -4.27
C CYS B 259 32.80 -12.43 -2.75
N LYS B 260 32.31 -11.31 -2.17
CA LYS B 260 32.46 -10.97 -0.73
C LYS B 260 31.51 -11.83 0.10
N SER B 261 30.66 -12.63 -0.55
CA SER B 261 29.81 -13.66 0.11
C SER B 261 30.49 -15.01 0.01
N LEU B 262 31.51 -15.14 -0.86
CA LEU B 262 31.95 -16.43 -1.46
C LEU B 262 31.88 -17.55 -0.42
N GLY B 263 31.26 -18.68 -0.78
CA GLY B 263 31.27 -19.93 0.00
C GLY B 263 29.95 -20.17 0.71
N ARG B 264 29.29 -19.10 1.18
CA ARG B 264 28.19 -19.19 2.15
C ARG B 264 26.94 -19.67 1.43
N LYS B 265 26.25 -20.66 1.99
CA LYS B 265 25.08 -21.31 1.39
C LYS B 265 23.82 -20.51 1.72
N ILE B 266 22.73 -20.79 1.04
CA ILE B 266 21.40 -20.20 1.28
C ILE B 266 20.53 -21.26 1.95
N LEU B 267 20.28 -21.09 3.26
CA LEU B 267 19.73 -22.13 4.16
C LEU B 267 18.20 -21.95 4.26
N ILE B 268 17.65 -20.91 3.65
CA ILE B 268 16.19 -20.60 3.70
C ILE B 268 15.50 -21.43 2.62
N PRO B 269 14.16 -21.63 2.73
CA PRO B 269 13.41 -22.38 1.73
C PRO B 269 13.45 -21.69 0.35
N ALA B 270 13.75 -22.46 -0.69
CA ALA B 270 14.12 -21.95 -2.02
C ALA B 270 13.39 -22.74 -3.11
N LEU B 271 13.13 -22.10 -4.23
CA LEU B 271 12.44 -22.68 -5.40
C LEU B 271 13.10 -22.16 -6.68
N MET B 272 13.63 -23.06 -7.49
CA MET B 272 14.13 -22.76 -8.86
C MET B 272 13.10 -23.30 -9.87
N VAL B 273 12.55 -22.44 -10.70
CA VAL B 273 11.59 -22.81 -11.77
C VAL B 273 12.26 -22.58 -13.10
N THR B 274 12.51 -23.65 -13.85
CA THR B 274 13.19 -23.64 -15.16
C THR B 274 12.13 -23.67 -16.26
N ALA B 275 12.39 -22.94 -17.35
CA ALA B 275 11.56 -22.88 -18.56
C ALA B 275 12.31 -23.57 -19.71
N GLU B 276 11.75 -24.68 -20.22
CA GLU B 276 12.36 -25.57 -21.25
C GLU B 276 12.87 -24.72 -22.44
N LYS B 277 12.20 -23.62 -22.76
CA LYS B 277 12.38 -22.89 -24.05
C LYS B 277 12.79 -21.43 -23.80
N ASP B 278 13.35 -21.14 -22.61
CA ASP B 278 14.25 -19.97 -22.39
C ASP B 278 15.64 -20.33 -22.89
N PHE B 279 16.05 -19.72 -24.00
CA PHE B 279 17.29 -20.06 -24.75
C PHE B 279 18.44 -19.20 -24.24
N VAL B 280 18.15 -18.32 -23.29
CA VAL B 280 19.16 -17.46 -22.62
C VAL B 280 19.39 -18.02 -21.21
N LEU B 281 18.34 -18.05 -20.39
CA LEU B 281 18.36 -18.61 -19.02
C LEU B 281 17.94 -20.06 -19.06
N VAL B 282 18.79 -20.91 -19.64
CA VAL B 282 18.42 -22.30 -20.05
C VAL B 282 18.38 -23.16 -18.79
N PRO B 283 17.50 -24.17 -18.74
CA PRO B 283 17.39 -25.04 -17.58
C PRO B 283 18.76 -25.53 -17.09
N GLN B 284 19.66 -25.92 -18.01
CA GLN B 284 20.99 -26.55 -17.70
C GLN B 284 21.74 -25.67 -16.68
N MET B 285 21.69 -24.36 -16.84
CA MET B 285 22.55 -23.40 -16.11
C MET B 285 22.31 -23.55 -14.58
N SER B 286 21.16 -24.11 -14.18
CA SER B 286 20.68 -24.18 -12.78
C SER B 286 21.11 -25.50 -12.14
N GLN B 287 21.98 -26.27 -12.81
CA GLN B 287 22.11 -27.76 -12.62
C GLN B 287 22.69 -28.08 -11.24
N HIS B 288 23.64 -27.27 -10.74
CA HIS B 288 24.40 -27.57 -9.50
C HIS B 288 24.08 -26.56 -8.39
N MET B 289 22.82 -26.10 -8.33
CA MET B 289 22.37 -25.07 -7.35
C MET B 289 22.09 -25.73 -5.99
N GLU B 290 21.88 -27.06 -5.98
CA GLU B 290 21.67 -27.88 -4.75
C GLU B 290 22.90 -27.74 -3.82
N ASP B 291 24.12 -27.87 -4.39
CA ASP B 291 25.40 -27.77 -3.66
C ASP B 291 25.44 -26.45 -2.86
N TRP B 292 24.95 -25.37 -3.48
CA TRP B 292 25.02 -23.98 -2.95
C TRP B 292 23.74 -23.66 -2.12
N ILE B 293 22.70 -24.50 -2.21
CA ILE B 293 21.34 -24.24 -1.62
C ILE B 293 20.72 -25.56 -1.18
N PRO B 294 21.02 -26.03 0.06
CA PRO B 294 20.55 -27.33 0.53
C PRO B 294 19.03 -27.53 0.37
N HIS B 295 18.22 -26.52 0.71
CA HIS B 295 16.74 -26.63 0.86
C HIS B 295 16.02 -26.19 -0.44
N LEU B 296 16.62 -26.44 -1.60
CA LEU B 296 16.07 -26.06 -2.93
C LEU B 296 15.06 -27.12 -3.39
N LYS B 297 13.80 -26.72 -3.58
CA LYS B 297 12.78 -27.46 -4.35
C LYS B 297 12.75 -26.92 -5.78
N ARG B 298 12.18 -27.66 -6.72
CA ARG B 298 12.30 -27.38 -8.17
C ARG B 298 10.92 -27.41 -8.83
N GLY B 299 10.67 -26.47 -9.72
CA GLY B 299 9.66 -26.55 -10.77
C GLY B 299 10.30 -26.48 -12.13
N HIS B 300 9.58 -26.91 -13.16
CA HIS B 300 10.05 -26.93 -14.57
C HIS B 300 8.84 -26.94 -15.47
N ILE B 301 8.69 -25.88 -16.26
CA ILE B 301 7.54 -25.68 -17.16
C ILE B 301 7.97 -25.99 -18.60
N GLU B 302 7.41 -27.05 -19.17
CA GLU B 302 7.57 -27.44 -20.59
C GLU B 302 6.89 -26.41 -21.49
N ASP B 303 7.43 -26.22 -22.68
CA ASP B 303 6.80 -25.39 -23.73
C ASP B 303 6.74 -23.91 -23.26
N CYS B 304 7.58 -23.53 -22.32
CA CYS B 304 7.68 -22.16 -21.74
C CYS B 304 9.00 -21.50 -22.18
N GLY B 305 8.90 -20.32 -22.80
CA GLY B 305 10.06 -19.48 -23.18
C GLY B 305 10.50 -18.56 -22.02
N HIS B 306 11.05 -17.40 -22.35
CA HIS B 306 11.63 -16.47 -21.36
C HIS B 306 10.52 -15.84 -20.53
N TRP B 307 9.42 -15.46 -21.16
CA TRP B 307 8.37 -14.56 -20.60
C TRP B 307 7.40 -15.38 -19.77
N THR B 308 7.93 -16.04 -18.75
CA THR B 308 7.35 -17.25 -18.13
C THR B 308 5.93 -16.95 -17.65
N GLN B 309 5.71 -15.80 -17.07
CA GLN B 309 4.49 -15.46 -16.31
C GLN B 309 3.31 -15.41 -17.24
N MET B 310 3.46 -14.80 -18.44
CA MET B 310 2.36 -14.58 -19.41
C MET B 310 2.31 -15.74 -20.43
N ASP B 311 3.41 -16.47 -20.59
CA ASP B 311 3.49 -17.67 -21.47
C ASP B 311 2.62 -18.78 -20.87
N LYS B 312 2.76 -19.00 -19.58
CA LYS B 312 2.24 -20.19 -18.86
C LYS B 312 1.74 -19.76 -17.48
N PRO B 313 0.77 -18.82 -17.42
CA PRO B 313 0.30 -18.29 -16.16
C PRO B 313 -0.21 -19.38 -15.20
N THR B 314 -0.96 -20.34 -15.71
CA THR B 314 -1.65 -21.38 -14.90
C THR B 314 -0.61 -22.33 -14.31
N GLU B 315 0.44 -22.65 -15.05
CA GLU B 315 1.58 -23.51 -14.61
C GLU B 315 2.33 -22.78 -13.49
N VAL B 316 2.80 -21.58 -13.76
CA VAL B 316 3.50 -20.70 -12.79
C VAL B 316 2.68 -20.65 -11.48
N ASN B 317 1.36 -20.41 -11.59
CA ASN B 317 0.46 -20.21 -10.43
C ASN B 317 0.42 -21.47 -9.59
N GLN B 318 0.31 -22.64 -10.23
CA GLN B 318 0.15 -23.96 -9.56
C GLN B 318 1.46 -24.33 -8.87
N ILE B 319 2.60 -24.10 -9.52
CA ILE B 319 3.95 -24.34 -8.94
C ILE B 319 4.15 -23.42 -7.72
N LEU B 320 3.92 -22.10 -7.86
CA LEU B 320 4.18 -21.08 -6.80
C LEU B 320 3.31 -21.37 -5.57
N ILE B 321 2.00 -21.53 -5.76
CA ILE B 321 1.01 -21.74 -4.64
C ILE B 321 1.30 -23.06 -3.94
N LYS B 322 1.62 -24.13 -4.69
CA LYS B 322 2.01 -25.46 -4.12
C LYS B 322 3.21 -25.25 -3.19
N TRP B 323 4.23 -24.55 -3.65
CA TRP B 323 5.50 -24.36 -2.92
C TRP B 323 5.28 -23.39 -1.76
N LEU B 324 4.65 -22.25 -2.02
CA LEU B 324 4.21 -21.29 -0.97
C LEU B 324 3.54 -22.04 0.19
N ASP B 325 2.50 -22.81 -0.12
CA ASP B 325 1.59 -23.40 0.90
C ASP B 325 2.35 -24.48 1.69
N SER B 326 3.42 -25.04 1.10
CA SER B 326 4.13 -26.23 1.62
C SER B 326 5.41 -25.81 2.36
N ASP B 327 5.99 -24.66 2.03
CA ASP B 327 7.42 -24.35 2.34
C ASP B 327 7.54 -23.00 3.06
N ALA B 328 6.51 -22.15 2.99
CA ALA B 328 6.63 -20.69 3.28
C ALA B 328 5.53 -20.22 4.24
N ARG B 329 4.31 -20.78 4.15
CA ARG B 329 3.15 -20.41 5.03
C ARG B 329 3.29 -21.13 6.37
F2 TK9 C . -14.25 19.38 15.75
C15 TK9 C . -15.02 19.97 16.66
F TK9 C . -14.36 21.05 17.05
F1 TK9 C . -16.12 20.41 16.02
C14 TK9 C . -15.34 19.06 17.82
C16 TK9 C . -15.07 19.50 19.11
C17 TK9 C . -15.26 18.67 20.20
O3 TK9 C . -14.86 18.93 21.50
C18 TK9 C . -14.15 20.14 21.75
C19 TK9 C . -15.78 17.41 20.03
C20 TK9 C . -16.08 16.96 18.76
C13 TK9 C . -15.86 17.76 17.63
C12 TK9 C . -16.16 17.22 16.26
N TK9 C . -17.13 16.13 16.27
C TK9 C . -18.45 16.37 16.14
O TK9 C . -18.89 17.51 16.04
C1 TK9 C . -19.34 15.18 16.04
C11 TK9 C . -20.73 15.34 16.07
C10 TK9 C . -21.56 14.25 15.86
C4 TK9 C . -21.05 12.99 15.62
C3 TK9 C . -19.67 12.83 15.64
C2 TK9 C . -18.83 13.90 15.83
C5 TK9 C . -21.95 11.87 15.17
C6 TK9 C . -22.92 11.34 16.25
C8 TK9 C . -22.65 11.98 17.61
C9 TK9 C . -23.29 11.23 18.77
C7 TK9 C . -24.35 11.58 15.83
O2 TK9 C . -24.74 12.65 15.37
O1 TK9 C . -25.10 10.53 15.97
F2 TK9 D . 14.98 -8.79 -22.44
C15 TK9 D . 15.78 -9.54 -23.25
F TK9 D . 16.96 -8.98 -23.24
F1 TK9 D . 15.31 -9.36 -24.47
C14 TK9 D . 15.82 -10.99 -22.85
C16 TK9 D . 15.50 -11.93 -23.83
C17 TK9 D . 15.59 -13.29 -23.56
O3 TK9 D . 15.11 -14.28 -24.39
C18 TK9 D . 14.33 -13.87 -25.50
C19 TK9 D . 16.03 -13.72 -22.32
C20 TK9 D . 16.35 -12.79 -21.34
C13 TK9 D . 16.24 -11.42 -21.58
C12 TK9 D . 16.50 -10.45 -20.46
N TK9 D . 17.35 -11.01 -19.42
C TK9 D . 18.67 -10.91 -19.45
O TK9 D . 19.26 -10.42 -20.40
C1 TK9 D . 19.41 -11.37 -18.24
C11 TK9 D . 18.80 -11.44 -16.99
C10 TK9 D . 19.53 -11.79 -15.86
C4 TK9 D . 20.90 -12.03 -15.94
C3 TK9 D . 21.51 -11.96 -17.18
C2 TK9 D . 20.78 -11.65 -18.32
C5 TK9 D . 21.71 -12.23 -14.69
C6 TK9 D . 22.36 -13.62 -14.56
C8 TK9 D . 22.12 -14.50 -15.80
C9 TK9 D . 22.52 -15.97 -15.60
C7 TK9 D . 23.85 -13.48 -14.29
O2 TK9 D . 24.55 -12.64 -14.84
O1 TK9 D . 24.29 -14.33 -13.42
#